data_4U2X
#
_entry.id   4U2X
#
_cell.length_a   103.925
_cell.length_b   103.925
_cell.length_c   333.630
_cell.angle_alpha   90.000
_cell.angle_beta   90.000
_cell.angle_gamma   120.000
#
_symmetry.space_group_name_H-M   'P 31 2 1'
#
loop_
_entity.id
_entity.type
_entity.pdbx_description
1 polymer 'Membrane-associated protein VP24'
2 polymer 'Importin subunit alpha-6'
3 non-polymer 'CHLORIDE ION'
4 water water
#
loop_
_entity_poly.entity_id
_entity_poly.type
_entity_poly.pdbx_seq_one_letter_code
_entity_poly.pdbx_strand_id
1 'polypeptide(L)'
;DLEKGVVLSDLCNFLVSQTIQGWKVYWAGIEFDVTHKGMALLHRLKTNDFAPAWSMTRNLFPHLFQNPNSTIESPLWALR
VILAAGIQDQLIDQSLIEPLAGALGLISDWLLTTNTNHFNMRTQRVKEQLSLKMLSLIRSNILKFINKLDALHVVNYNGL
LSSIEIGTQNHTIIITRTNMGFLVELQEPDKSAMNRMKPGPAKFSLLHESTLKAFT
;
A,B,C
2 'polypeptide(L)'
;TQVILNCSALPCLLHLLSSPKESIRKEACWTVSNITAGNRAQIQAVIDANIFPVLIEILQKAEFRTRKEAAWAITNATSG
GTPEQIRYLVALGCIKPLCDLLTVMDSKIVQVALNGLENILRLGEQESKQNGIGINPYCALIEEAYGLDKIEFLQSHENQ
EIYQKAFDLIEHYFG
;
D,E,F
#
loop_
_chem_comp.id
_chem_comp.type
_chem_comp.name
_chem_comp.formula
CL non-polymer 'CHLORIDE ION' 'Cl -1'
#
# COMPACT_ATOMS: atom_id res chain seq x y z
N ASP A 1 -1.32 -31.41 -52.59
CA ASP A 1 -0.30 -32.50 -52.41
C ASP A 1 0.89 -31.97 -51.61
N LEU A 2 1.69 -31.09 -52.21
CA LEU A 2 2.83 -30.47 -51.53
C LEU A 2 2.36 -29.27 -50.72
N GLU A 3 1.37 -28.56 -51.24
CA GLU A 3 0.82 -27.36 -50.61
C GLU A 3 0.50 -27.59 -49.13
N LYS A 4 -0.23 -28.67 -48.83
CA LYS A 4 -0.60 -29.00 -47.45
C LYS A 4 0.62 -29.14 -46.54
N GLY A 5 1.61 -29.90 -47.01
CA GLY A 5 2.83 -30.11 -46.24
C GLY A 5 3.52 -28.83 -45.83
N VAL A 6 3.60 -27.89 -46.76
CA VAL A 6 4.25 -26.60 -46.50
C VAL A 6 3.37 -25.74 -45.59
N VAL A 7 2.10 -25.62 -45.93
CA VAL A 7 1.15 -24.81 -45.17
C VAL A 7 1.09 -25.25 -43.71
N LEU A 8 1.09 -26.56 -43.46
CA LEU A 8 1.10 -27.10 -42.10
C LEU A 8 2.39 -26.70 -41.38
N SER A 9 3.52 -27.00 -41.99
CA SER A 9 4.81 -26.63 -41.43
C SER A 9 4.90 -25.17 -41.01
N ASP A 10 4.31 -24.28 -41.80
CA ASP A 10 4.43 -22.85 -41.53
C ASP A 10 3.44 -22.35 -40.47
N LEU A 11 2.19 -22.78 -40.56
CA LEU A 11 1.16 -22.35 -39.61
C LEU A 11 1.22 -23.04 -38.26
N CYS A 12 1.56 -24.33 -38.26
CA CYS A 12 1.54 -25.14 -37.04
C CYS A 12 2.89 -25.25 -36.33
N ASN A 13 3.86 -24.42 -36.72
CA ASN A 13 5.16 -24.42 -36.07
C ASN A 13 5.68 -23.02 -35.78
N PHE A 14 5.74 -22.70 -34.49
CA PHE A 14 6.25 -21.44 -34.01
C PHE A 14 7.70 -21.67 -33.60
N LEU A 15 8.62 -21.56 -34.55
CA LEU A 15 10.03 -21.82 -34.29
C LEU A 15 10.66 -20.70 -33.48
N VAL A 16 11.42 -21.09 -32.46
CA VAL A 16 12.15 -20.14 -31.64
C VAL A 16 13.61 -20.59 -31.54
N SER A 17 14.52 -19.69 -31.92
CA SER A 17 15.95 -19.94 -31.81
C SER A 17 16.56 -18.90 -30.88
N GLN A 18 17.24 -19.37 -29.84
CA GLN A 18 17.89 -18.48 -28.88
C GLN A 18 19.07 -17.77 -29.54
N THR A 19 19.25 -16.49 -29.22
CA THR A 19 20.33 -15.67 -29.76
C THR A 19 20.93 -14.81 -28.65
N ILE A 20 21.94 -14.02 -28.99
CA ILE A 20 22.59 -13.14 -28.01
C ILE A 20 21.63 -12.04 -27.58
N GLN A 21 20.98 -11.41 -28.55
CA GLN A 21 20.08 -10.28 -28.28
C GLN A 21 18.82 -10.76 -27.57
N GLY A 22 18.30 -11.91 -27.99
CA GLY A 22 17.12 -12.50 -27.39
C GLY A 22 16.71 -13.79 -28.06
N TRP A 23 15.83 -13.68 -29.06
CA TRP A 23 15.37 -14.84 -29.82
C TRP A 23 15.15 -14.50 -31.28
N LYS A 24 15.23 -15.52 -32.12
CA LYS A 24 14.84 -15.44 -33.51
C LYS A 24 13.60 -16.31 -33.66
N VAL A 25 12.49 -15.70 -34.05
CA VAL A 25 11.23 -16.41 -34.18
C VAL A 25 10.85 -16.50 -35.64
N TYR A 26 10.29 -17.64 -36.04
CA TYR A 26 9.87 -17.87 -37.40
C TYR A 26 8.53 -18.59 -37.40
N TRP A 27 7.51 -17.94 -37.96
CA TRP A 27 6.17 -18.51 -38.04
C TRP A 27 5.40 -17.95 -39.23
N ALA A 28 4.67 -18.83 -39.91
CA ALA A 28 3.89 -18.47 -41.09
C ALA A 28 4.74 -17.78 -42.17
N GLY A 29 6.00 -18.21 -42.28
CA GLY A 29 6.94 -17.62 -43.24
C GLY A 29 7.45 -16.24 -42.88
N ILE A 30 7.22 -15.81 -41.64
CA ILE A 30 7.62 -14.48 -41.18
C ILE A 30 8.69 -14.59 -40.12
N GLU A 31 9.75 -13.78 -40.25
CA GLU A 31 10.82 -13.73 -39.26
C GLU A 31 10.54 -12.62 -38.27
N PHE A 32 10.92 -12.85 -37.01
CA PHE A 32 10.86 -11.82 -35.98
C PHE A 32 12.13 -11.86 -35.15
N ASP A 33 12.57 -10.67 -34.71
CA ASP A 33 13.76 -10.55 -33.86
C ASP A 33 13.34 -9.99 -32.50
N VAL A 34 13.16 -10.90 -31.55
CA VAL A 34 12.69 -10.54 -30.22
C VAL A 34 13.90 -10.30 -29.32
N THR A 35 13.73 -9.40 -28.35
CA THR A 35 14.85 -8.96 -27.51
C THR A 35 14.43 -8.81 -26.04
N HIS A 36 15.44 -8.76 -25.17
CA HIS A 36 15.22 -8.60 -23.72
C HIS A 36 15.04 -7.15 -23.31
N LYS A 37 15.40 -6.22 -24.19
CA LYS A 37 15.42 -4.79 -23.87
C LYS A 37 14.11 -4.33 -23.24
N GLY A 38 14.20 -3.87 -22.00
CA GLY A 38 13.05 -3.33 -21.29
C GLY A 38 12.54 -4.24 -20.18
N MET A 39 12.66 -5.55 -20.40
CA MET A 39 12.15 -6.54 -19.44
C MET A 39 12.79 -6.40 -18.07
N ALA A 40 14.06 -6.02 -18.07
CA ALA A 40 14.79 -5.72 -16.83
C ALA A 40 14.05 -4.66 -16.04
N LEU A 41 13.79 -3.53 -16.68
CA LEU A 41 13.07 -2.41 -16.06
C LEU A 41 11.64 -2.81 -15.68
N LEU A 42 10.96 -3.50 -16.59
CA LEU A 42 9.56 -3.88 -16.40
C LEU A 42 9.34 -4.62 -15.08
N HIS A 43 10.30 -5.45 -14.70
CA HIS A 43 10.21 -6.20 -13.43
C HIS A 43 10.42 -5.30 -12.22
N ARG A 44 11.39 -4.39 -12.32
CA ARG A 44 11.66 -3.45 -11.23
C ARG A 44 10.47 -2.54 -10.96
N LEU A 45 9.75 -2.15 -12.02
CA LEU A 45 8.58 -1.29 -11.89
C LEU A 45 7.45 -1.96 -11.11
N LYS A 46 7.22 -3.25 -11.36
CA LYS A 46 6.15 -3.98 -10.69
C LYS A 46 6.47 -4.21 -9.22
N THR A 47 7.62 -4.80 -8.95
CA THR A 47 8.05 -5.10 -7.58
C THR A 47 8.39 -3.84 -6.78
N ASN A 48 8.58 -2.72 -7.48
CA ASN A 48 8.81 -1.40 -6.85
C ASN A 48 10.23 -1.23 -6.31
N ASP A 49 11.20 -1.83 -6.99
CA ASP A 49 12.61 -1.69 -6.63
C ASP A 49 13.34 -0.89 -7.71
N PHE A 50 13.07 0.41 -7.79
CA PHE A 50 13.78 1.29 -8.73
C PHE A 50 14.36 2.53 -8.06
N ALA A 51 15.36 3.12 -8.71
CA ALA A 51 16.11 4.26 -8.16
C ALA A 51 15.31 5.56 -8.06
N PRO A 52 14.71 6.03 -9.18
CA PRO A 52 14.00 7.30 -9.10
C PRO A 52 12.81 7.27 -8.13
N ALA A 53 12.32 8.45 -7.78
CA ALA A 53 11.26 8.56 -6.78
C ALA A 53 9.94 7.98 -7.27
N TRP A 54 9.64 8.16 -8.56
CA TRP A 54 8.45 7.58 -9.15
C TRP A 54 8.69 7.21 -10.61
N SER A 55 7.66 6.67 -11.26
CA SER A 55 7.75 6.27 -12.66
C SER A 55 6.45 6.63 -13.35
N MET A 56 6.55 7.33 -14.48
CA MET A 56 5.37 7.76 -15.23
C MET A 56 4.60 6.55 -15.77
N THR A 57 5.34 5.55 -16.24
CA THR A 57 4.75 4.32 -16.78
C THR A 57 4.04 3.50 -15.70
N ARG A 58 4.66 3.39 -14.53
CA ARG A 58 4.07 2.69 -13.39
C ARG A 58 2.77 3.37 -12.92
N ASN A 59 2.70 4.70 -13.07
CA ASN A 59 1.51 5.44 -12.68
C ASN A 59 0.37 5.29 -13.68
N LEU A 60 0.71 5.22 -14.97
CA LEU A 60 -0.30 5.10 -16.03
C LEU A 60 -0.97 3.73 -16.10
N PHE A 61 -0.28 2.70 -15.59
CA PHE A 61 -0.78 1.33 -15.67
C PHE A 61 -0.77 0.65 -14.30
N PRO A 62 -1.57 1.17 -13.37
CA PRO A 62 -1.59 0.61 -12.02
C PRO A 62 -2.25 -0.77 -11.97
N HIS A 63 -3.18 -1.02 -12.88
CA HIS A 63 -3.85 -2.33 -13.00
C HIS A 63 -2.89 -3.43 -13.44
N LEU A 64 -1.68 -3.05 -13.85
CA LEU A 64 -0.62 -4.01 -14.15
C LEU A 64 0.46 -4.01 -13.07
N PHE A 65 1.02 -2.84 -12.78
CA PHE A 65 2.18 -2.75 -11.89
C PHE A 65 1.83 -2.76 -10.40
N GLN A 66 0.66 -2.25 -10.06
CA GLN A 66 0.22 -2.18 -8.66
C GLN A 66 -0.92 -3.18 -8.38
N ASN A 67 -1.05 -4.17 -9.26
CA ASN A 67 -2.07 -5.21 -9.13
C ASN A 67 -1.39 -6.49 -8.67
N PRO A 68 -1.79 -7.01 -7.49
CA PRO A 68 -1.17 -8.25 -7.00
C PRO A 68 -1.54 -9.49 -7.82
N ASN A 69 -2.66 -9.42 -8.54
CA ASN A 69 -3.12 -10.52 -9.39
C ASN A 69 -2.60 -10.47 -10.82
N SER A 70 -1.77 -9.47 -11.13
CA SER A 70 -1.12 -9.41 -12.44
C SER A 70 0.23 -10.11 -12.38
N THR A 71 0.67 -10.62 -13.54
CA THR A 71 1.98 -11.26 -13.65
C THR A 71 2.65 -10.90 -14.98
N ILE A 72 3.97 -10.89 -14.98
CA ILE A 72 4.75 -10.56 -16.17
C ILE A 72 5.07 -11.83 -16.96
N GLU A 73 4.91 -11.76 -18.28
CA GLU A 73 5.28 -12.85 -19.18
C GLU A 73 6.48 -12.42 -20.02
N SER A 74 7.03 -13.35 -20.79
CA SER A 74 8.21 -13.06 -21.61
C SER A 74 7.83 -12.28 -22.87
N PRO A 75 8.82 -11.71 -23.57
CA PRO A 75 8.57 -11.04 -24.85
C PRO A 75 8.03 -11.99 -25.92
N LEU A 76 8.39 -13.27 -25.85
CA LEU A 76 7.85 -14.27 -26.78
C LEU A 76 6.34 -14.34 -26.64
N TRP A 77 5.87 -14.39 -25.39
CA TRP A 77 4.44 -14.35 -25.09
C TRP A 77 3.80 -13.10 -25.71
N ALA A 78 4.47 -11.96 -25.53
CA ALA A 78 3.99 -10.70 -26.09
C ALA A 78 3.79 -10.82 -27.60
N LEU A 79 4.80 -11.37 -28.28
CA LEU A 79 4.73 -11.57 -29.73
C LEU A 79 3.53 -12.44 -30.12
N ARG A 80 3.36 -13.56 -29.41
CA ARG A 80 2.24 -14.46 -29.68
C ARG A 80 0.90 -13.77 -29.50
N VAL A 81 0.78 -12.95 -28.46
CA VAL A 81 -0.46 -12.23 -28.18
C VAL A 81 -0.79 -11.26 -29.31
N ILE A 82 0.23 -10.55 -29.79
CA ILE A 82 0.07 -9.62 -30.91
C ILE A 82 -0.36 -10.36 -32.16
N LEU A 83 0.33 -11.46 -32.46
CA LEU A 83 0.00 -12.29 -33.61
C LEU A 83 -1.43 -12.81 -33.49
N ALA A 84 -1.76 -13.35 -32.32
CA ALA A 84 -3.13 -13.82 -32.06
C ALA A 84 -4.15 -12.69 -32.24
N ALA A 85 -3.79 -11.50 -31.76
CA ALA A 85 -4.65 -10.33 -31.87
C ALA A 85 -4.82 -9.88 -33.31
N GLY A 86 -3.75 -9.94 -34.09
CA GLY A 86 -3.79 -9.57 -35.50
C GLY A 86 -4.80 -10.41 -36.26
N ILE A 87 -4.81 -11.71 -35.99
CA ILE A 87 -5.77 -12.63 -36.58
C ILE A 87 -7.17 -12.26 -36.11
N GLN A 88 -7.31 -12.08 -34.80
CA GLN A 88 -8.61 -11.82 -34.19
C GLN A 88 -9.22 -10.50 -34.66
N ASP A 89 -8.37 -9.50 -34.88
CA ASP A 89 -8.83 -8.17 -35.29
C ASP A 89 -9.25 -8.15 -36.76
N GLN A 90 -8.28 -8.33 -37.65
CA GLN A 90 -8.48 -8.07 -39.08
C GLN A 90 -9.45 -9.06 -39.73
N LEU A 91 -9.46 -10.29 -39.25
CA LEU A 91 -10.14 -11.39 -39.94
C LEU A 91 -11.48 -11.78 -39.32
N ILE A 92 -11.42 -12.25 -38.07
CA ILE A 92 -12.59 -12.90 -37.45
C ILE A 92 -13.78 -11.96 -37.24
N ASP A 93 -13.53 -10.64 -37.21
CA ASP A 93 -14.61 -9.66 -37.06
C ASP A 93 -15.61 -9.68 -38.22
N GLN A 94 -15.14 -9.92 -39.43
CA GLN A 94 -16.05 -9.97 -40.60
C GLN A 94 -16.77 -11.30 -40.68
N SER A 95 -17.84 -11.33 -41.45
CA SER A 95 -18.62 -12.56 -41.64
C SER A 95 -18.07 -13.38 -42.81
N LEU A 96 -17.39 -14.47 -42.48
CA LEU A 96 -16.87 -15.41 -43.47
C LEU A 96 -17.25 -16.85 -43.10
N ILE A 97 -16.97 -17.80 -44.00
CA ILE A 97 -17.39 -19.20 -43.83
C ILE A 97 -16.91 -19.78 -42.49
N GLU A 98 -17.79 -20.53 -41.84
CA GLU A 98 -17.60 -20.93 -40.43
C GLU A 98 -16.37 -21.82 -40.18
N PRO A 99 -16.09 -22.79 -41.07
CA PRO A 99 -14.87 -23.59 -40.92
C PRO A 99 -13.56 -22.80 -41.04
N LEU A 100 -13.59 -21.69 -41.77
CA LEU A 100 -12.42 -20.80 -41.88
C LEU A 100 -12.22 -20.00 -40.59
N ALA A 101 -13.32 -19.49 -40.04
CA ALA A 101 -13.28 -18.77 -38.76
C ALA A 101 -12.79 -19.66 -37.62
N GLY A 102 -13.29 -20.89 -37.59
CA GLY A 102 -12.88 -21.86 -36.59
C GLY A 102 -11.41 -22.22 -36.71
N ALA A 103 -10.91 -22.20 -37.94
CA ALA A 103 -9.49 -22.49 -38.20
C ALA A 103 -8.62 -21.35 -37.66
N LEU A 104 -8.97 -20.12 -38.03
CA LEU A 104 -8.26 -18.95 -37.54
C LEU A 104 -8.39 -18.82 -36.03
N GLY A 105 -9.58 -19.12 -35.51
CA GLY A 105 -9.85 -19.08 -34.08
C GLY A 105 -8.98 -20.06 -33.30
N LEU A 106 -8.90 -21.30 -33.78
CA LEU A 106 -8.02 -22.31 -33.17
C LEU A 106 -6.58 -21.85 -33.15
N ILE A 107 -6.11 -21.32 -34.27
CA ILE A 107 -4.72 -20.90 -34.40
C ILE A 107 -4.40 -19.74 -33.44
N SER A 108 -5.31 -18.78 -33.34
CA SER A 108 -5.13 -17.66 -32.42
C SER A 108 -5.20 -18.15 -30.97
N ASP A 109 -6.07 -19.11 -30.69
CA ASP A 109 -6.17 -19.72 -29.36
C ASP A 109 -4.92 -20.51 -28.99
N TRP A 110 -4.30 -21.16 -29.96
CA TRP A 110 -3.04 -21.87 -29.73
C TRP A 110 -1.93 -20.89 -29.39
N LEU A 111 -1.82 -19.81 -30.17
CA LEU A 111 -0.84 -18.76 -29.93
C LEU A 111 -1.06 -18.07 -28.59
N LEU A 112 -2.32 -17.74 -28.29
CA LEU A 112 -2.65 -16.93 -27.13
C LEU A 112 -2.57 -17.68 -25.81
N THR A 113 -3.04 -18.92 -25.81
CA THR A 113 -3.23 -19.69 -24.57
C THR A 113 -1.99 -20.48 -24.19
N THR A 114 -1.36 -21.10 -25.18
CA THR A 114 -0.22 -21.98 -24.92
C THR A 114 1.11 -21.31 -25.24
N ASN A 115 2.19 -22.00 -24.88
CA ASN A 115 3.54 -21.58 -25.23
C ASN A 115 4.24 -22.67 -26.06
N THR A 116 3.44 -23.55 -26.65
CA THR A 116 3.96 -24.69 -27.38
C THR A 116 4.36 -24.28 -28.80
N ASN A 117 5.50 -24.78 -29.24
CA ASN A 117 6.05 -24.43 -30.56
C ASN A 117 5.42 -25.23 -31.70
N HIS A 118 4.82 -26.37 -31.38
CA HIS A 118 4.09 -27.15 -32.36
C HIS A 118 2.61 -27.23 -32.02
N PHE A 119 1.78 -27.19 -33.05
CA PHE A 119 0.33 -27.27 -32.90
C PHE A 119 -0.16 -28.51 -33.62
N ASN A 120 -0.41 -29.57 -32.85
CA ASN A 120 -0.94 -30.81 -33.39
C ASN A 120 -2.45 -30.66 -33.62
N MET A 121 -2.81 -30.29 -34.85
CA MET A 121 -4.20 -29.98 -35.16
C MET A 121 -5.03 -31.24 -35.29
N ARG A 122 -5.86 -31.50 -34.28
CA ARG A 122 -6.66 -32.72 -34.20
C ARG A 122 -8.09 -32.56 -34.71
N THR A 123 -8.58 -31.32 -34.77
CA THR A 123 -9.88 -31.05 -35.36
C THR A 123 -9.77 -31.24 -36.87
N GLN A 124 -10.57 -32.15 -37.42
CA GLN A 124 -10.42 -32.58 -38.81
C GLN A 124 -11.02 -31.61 -39.81
N ARG A 125 -12.18 -31.04 -39.50
CA ARG A 125 -12.85 -30.11 -40.41
C ARG A 125 -11.95 -28.93 -40.75
N VAL A 126 -11.27 -28.39 -39.74
CA VAL A 126 -10.26 -27.37 -39.95
C VAL A 126 -9.07 -27.86 -40.75
N LYS A 127 -8.56 -29.04 -40.41
CA LYS A 127 -7.33 -29.56 -41.00
C LYS A 127 -7.38 -29.59 -42.54
N GLU A 128 -8.56 -29.85 -43.08
CA GLU A 128 -8.78 -29.82 -44.53
C GLU A 128 -8.84 -28.39 -45.07
N GLN A 129 -9.27 -27.45 -44.22
CA GLN A 129 -9.38 -26.04 -44.60
C GLN A 129 -8.03 -25.39 -44.89
N LEU A 130 -6.97 -25.90 -44.27
CA LEU A 130 -5.62 -25.31 -44.38
C LEU A 130 -5.12 -25.29 -45.83
N SER A 131 -5.19 -24.11 -46.45
CA SER A 131 -4.74 -23.91 -47.82
C SER A 131 -3.65 -22.83 -47.86
N LEU A 132 -3.10 -22.62 -49.06
CA LEU A 132 -2.15 -21.53 -49.28
C LEU A 132 -2.87 -20.18 -49.23
N LYS A 133 -4.14 -20.17 -49.65
CA LYS A 133 -4.95 -18.97 -49.58
C LYS A 133 -5.13 -18.54 -48.13
N MET A 134 -5.34 -19.53 -47.26
CA MET A 134 -5.47 -19.29 -45.82
C MET A 134 -4.19 -18.69 -45.24
N LEU A 135 -3.05 -19.29 -45.57
CA LEU A 135 -1.76 -18.78 -45.14
C LEU A 135 -1.53 -17.37 -45.64
N SER A 136 -1.81 -17.16 -46.93
CA SER A 136 -1.66 -15.84 -47.55
C SER A 136 -2.51 -14.81 -46.84
N LEU A 137 -3.74 -15.21 -46.52
CA LEU A 137 -4.68 -14.33 -45.82
C LEU A 137 -4.14 -13.92 -44.45
N ILE A 138 -3.65 -14.89 -43.70
CA ILE A 138 -3.05 -14.63 -42.39
C ILE A 138 -1.87 -13.66 -42.52
N ARG A 139 -0.92 -14.00 -43.38
CA ARG A 139 0.30 -13.21 -43.54
C ARG A 139 -0.01 -11.73 -43.75
N SER A 140 -0.88 -11.43 -44.72
CA SER A 140 -1.21 -10.05 -45.05
C SER A 140 -1.86 -9.34 -43.85
N ASN A 141 -2.76 -10.04 -43.18
CA ASN A 141 -3.46 -9.47 -42.02
C ASN A 141 -2.61 -9.32 -40.77
N ILE A 142 -1.52 -10.08 -40.68
CA ILE A 142 -0.52 -9.86 -39.63
C ILE A 142 0.24 -8.58 -39.94
N LEU A 143 0.63 -8.41 -41.19
CA LEU A 143 1.37 -7.22 -41.62
C LEU A 143 0.53 -5.96 -41.48
N LYS A 144 -0.75 -6.05 -41.82
CA LYS A 144 -1.66 -4.93 -41.65
C LYS A 144 -1.74 -4.51 -40.19
N PHE A 145 -1.89 -5.48 -39.30
CA PHE A 145 -1.98 -5.21 -37.87
C PHE A 145 -0.69 -4.61 -37.32
N ILE A 146 0.45 -5.03 -37.87
CA ILE A 146 1.74 -4.48 -37.46
C ILE A 146 1.87 -3.02 -37.90
N ASN A 147 1.47 -2.73 -39.13
CA ASN A 147 1.43 -1.36 -39.63
C ASN A 147 0.44 -0.51 -38.84
N LYS A 148 -0.67 -1.13 -38.46
CA LYS A 148 -1.67 -0.47 -37.62
C LYS A 148 -1.07 -0.12 -36.25
N LEU A 149 -0.24 -1.02 -35.72
CA LEU A 149 0.45 -0.77 -34.45
C LEU A 149 1.52 0.30 -34.59
N ASP A 150 2.22 0.30 -35.72
CA ASP A 150 3.24 1.29 -36.00
C ASP A 150 2.64 2.69 -36.13
N ALA A 151 1.37 2.76 -36.53
CA ALA A 151 0.64 4.03 -36.65
C ALA A 151 0.29 4.66 -35.29
N LEU A 152 0.39 3.89 -34.20
CA LEU A 152 0.13 4.41 -32.86
C LEU A 152 1.22 5.40 -32.44
N HIS A 153 0.82 6.39 -31.64
CA HIS A 153 1.75 7.34 -31.05
C HIS A 153 1.96 6.98 -29.58
N VAL A 154 3.08 7.42 -29.02
CA VAL A 154 3.41 7.13 -27.63
C VAL A 154 2.37 7.80 -26.73
N VAL A 155 2.03 7.14 -25.63
CA VAL A 155 1.02 7.66 -24.70
C VAL A 155 1.23 9.15 -24.48
N ASN A 156 0.18 9.93 -24.72
CA ASN A 156 0.25 11.39 -24.58
C ASN A 156 -1.06 11.93 -24.00
N TYR A 157 -1.08 13.24 -23.75
CA TYR A 157 -2.27 13.92 -23.21
C TYR A 157 -2.94 14.81 -24.25
N ASN A 158 -2.76 14.45 -25.53
CA ASN A 158 -3.51 15.03 -26.63
C ASN A 158 -4.58 14.03 -27.06
N GLY A 159 -5.24 14.28 -28.18
CA GLY A 159 -6.22 13.35 -28.73
C GLY A 159 -5.65 12.24 -29.59
N LEU A 160 -4.31 12.16 -29.68
CA LEU A 160 -3.64 11.18 -30.54
C LEU A 160 -3.79 9.76 -30.01
N LEU A 161 -4.28 8.87 -30.87
CA LEU A 161 -4.48 7.45 -30.52
C LEU A 161 -3.16 6.78 -30.17
N SER A 162 -3.15 6.08 -29.03
CA SER A 162 -1.93 5.44 -28.51
C SER A 162 -2.10 3.96 -28.16
N SER A 163 -3.29 3.40 -28.34
CA SER A 163 -3.53 2.00 -28.01
C SER A 163 -4.59 1.34 -28.89
N ILE A 164 -4.68 0.02 -28.79
CA ILE A 164 -5.64 -0.79 -29.53
C ILE A 164 -6.17 -1.88 -28.62
N GLU A 165 -7.50 -2.05 -28.61
CA GLU A 165 -8.15 -3.06 -27.80
C GLU A 165 -8.86 -4.06 -28.70
N ILE A 166 -8.67 -5.35 -28.42
CA ILE A 166 -9.37 -6.41 -29.12
C ILE A 166 -10.15 -7.24 -28.11
N GLY A 167 -11.47 -7.23 -28.23
CA GLY A 167 -12.35 -7.96 -27.31
C GLY A 167 -12.90 -9.22 -27.95
N THR A 168 -12.53 -10.37 -27.39
CA THR A 168 -13.07 -11.66 -27.84
C THR A 168 -14.13 -12.08 -26.82
N GLN A 169 -14.71 -13.25 -27.02
CA GLN A 169 -15.68 -13.81 -26.10
C GLN A 169 -15.04 -14.08 -24.73
N ASN A 170 -13.81 -14.58 -24.75
CA ASN A 170 -13.12 -15.02 -23.52
C ASN A 170 -11.92 -14.16 -23.11
N HIS A 171 -11.60 -13.11 -23.87
N HIS A 171 -11.60 -13.11 -23.87
CA HIS A 171 -10.42 -12.30 -23.61
CA HIS A 171 -10.42 -12.30 -23.61
C HIS A 171 -10.59 -10.84 -23.98
C HIS A 171 -10.59 -10.84 -23.98
N THR A 172 -9.68 -10.02 -23.46
CA THR A 172 -9.54 -8.63 -23.88
C THR A 172 -8.04 -8.37 -23.98
N ILE A 173 -7.57 -8.15 -25.20
CA ILE A 173 -6.17 -7.82 -25.44
C ILE A 173 -6.07 -6.31 -25.59
N ILE A 174 -5.09 -5.70 -24.93
CA ILE A 174 -4.83 -4.27 -25.09
C ILE A 174 -3.34 -4.05 -25.34
N ILE A 175 -3.03 -3.35 -26.42
CA ILE A 175 -1.65 -3.06 -26.78
C ILE A 175 -1.47 -1.55 -26.80
N THR A 176 -0.64 -1.04 -25.91
CA THR A 176 -0.42 0.40 -25.77
C THR A 176 1.02 0.75 -26.06
N ARG A 177 1.24 1.83 -26.80
CA ARG A 177 2.59 2.27 -27.16
C ARG A 177 3.16 3.21 -26.11
N THR A 178 4.32 2.86 -25.56
CA THR A 178 4.98 3.66 -24.53
C THR A 178 6.43 3.97 -24.94
N ASN A 179 7.14 4.68 -24.07
CA ASN A 179 8.56 4.96 -24.29
C ASN A 179 9.43 3.70 -24.24
N MET A 180 9.00 2.72 -23.44
CA MET A 180 9.69 1.43 -23.35
C MET A 180 9.51 0.63 -24.63
N GLY A 181 8.30 0.71 -25.17
CA GLY A 181 7.91 -0.06 -26.36
C GLY A 181 6.43 -0.33 -26.29
N PHE A 182 6.00 -1.38 -26.97
CA PHE A 182 4.58 -1.75 -26.94
C PHE A 182 4.28 -2.56 -25.70
N LEU A 183 3.42 -2.02 -24.85
CA LEU A 183 2.97 -2.74 -23.67
C LEU A 183 1.77 -3.60 -24.03
N VAL A 184 1.98 -4.91 -24.10
CA VAL A 184 0.93 -5.87 -24.42
C VAL A 184 0.35 -6.42 -23.12
N GLU A 185 -0.97 -6.45 -23.01
CA GLU A 185 -1.62 -6.96 -21.81
C GLU A 185 -2.88 -7.73 -22.16
N LEU A 186 -3.16 -8.76 -21.36
CA LEU A 186 -4.30 -9.64 -21.57
C LEU A 186 -5.13 -9.68 -20.29
N GLN A 187 -6.41 -9.29 -20.41
CA GLN A 187 -7.33 -9.30 -19.29
C GLN A 187 -8.50 -10.23 -19.58
N GLU A 188 -9.37 -10.38 -18.59
CA GLU A 188 -10.65 -11.04 -18.78
C GLU A 188 -11.53 -10.20 -19.70
N PRO A 189 -12.56 -10.80 -20.31
CA PRO A 189 -13.38 -10.03 -21.26
C PRO A 189 -14.20 -8.91 -20.62
N ASP A 190 -14.43 -8.99 -19.31
CA ASP A 190 -15.11 -7.91 -18.57
C ASP A 190 -14.13 -6.86 -18.03
N LYS A 191 -12.84 -7.00 -18.37
CA LYS A 191 -11.78 -6.10 -17.90
C LYS A 191 -11.77 -5.98 -16.38
N SER A 192 -11.78 -7.12 -15.71
CA SER A 192 -11.83 -7.17 -14.25
C SER A 192 -10.57 -6.59 -13.59
N ALA A 193 -9.47 -6.56 -14.32
CA ALA A 193 -8.21 -6.00 -13.79
C ALA A 193 -8.33 -4.50 -13.49
N MET A 194 -9.21 -3.80 -14.20
CA MET A 194 -9.40 -2.36 -14.00
C MET A 194 -10.12 -2.02 -12.69
N ASN A 195 -10.90 -2.97 -12.15
CA ASN A 195 -11.57 -2.81 -10.84
C ASN A 195 -10.58 -2.42 -9.75
N ARG A 196 -10.63 -1.15 -9.37
CA ARG A 196 -9.67 -0.57 -8.42
C ARG A 196 -9.76 -1.15 -7.02
N MET A 197 -10.98 -1.54 -6.60
CA MET A 197 -11.19 -2.09 -5.26
C MET A 197 -10.65 -3.51 -5.15
N LYS A 198 -11.27 -4.44 -5.86
CA LYS A 198 -10.80 -5.83 -5.93
C LYS A 198 -10.40 -6.14 -7.38
N PRO A 199 -9.10 -5.99 -7.70
CA PRO A 199 -8.65 -6.13 -9.08
C PRO A 199 -8.57 -7.58 -9.56
N GLY A 200 -9.03 -7.81 -10.78
CA GLY A 200 -8.98 -9.13 -11.41
C GLY A 200 -7.61 -9.45 -11.99
N PRO A 201 -7.48 -10.63 -12.61
CA PRO A 201 -6.19 -11.09 -13.12
C PRO A 201 -5.80 -10.42 -14.44
N ALA A 202 -4.50 -10.37 -14.72
CA ALA A 202 -3.99 -9.82 -15.96
C ALA A 202 -2.55 -10.24 -16.22
N LYS A 203 -2.30 -10.89 -17.36
CA LYS A 203 -0.94 -11.16 -17.81
C LYS A 203 -0.52 -9.97 -18.68
N PHE A 204 0.76 -9.60 -18.60
CA PHE A 204 1.29 -8.53 -19.46
C PHE A 204 2.79 -8.64 -19.69
N SER A 205 3.28 -7.93 -20.70
CA SER A 205 4.68 -7.98 -21.09
C SER A 205 5.01 -6.83 -22.02
N LEU A 206 6.25 -6.78 -22.50
CA LEU A 206 6.72 -5.72 -23.37
C LEU A 206 7.26 -6.32 -24.66
N LEU A 207 6.87 -5.73 -25.79
CA LEU A 207 7.50 -6.01 -27.07
C LEU A 207 8.25 -4.77 -27.52
N HIS A 208 9.58 -4.87 -27.56
CA HIS A 208 10.44 -3.73 -27.87
C HIS A 208 10.19 -3.20 -29.29
N GLU A 209 10.40 -1.90 -29.47
CA GLU A 209 10.15 -1.21 -30.75
C GLU A 209 10.77 -1.93 -31.94
N SER A 210 12.02 -2.36 -31.78
CA SER A 210 12.81 -2.95 -32.86
C SER A 210 12.12 -4.10 -33.62
N THR A 211 11.41 -4.95 -32.88
CA THR A 211 10.76 -6.12 -33.48
C THR A 211 9.79 -5.72 -34.61
N LEU A 212 9.05 -4.62 -34.42
CA LEU A 212 8.09 -4.14 -35.40
C LEU A 212 8.71 -3.20 -36.44
N LYS A 213 9.74 -2.45 -36.03
CA LYS A 213 10.35 -1.45 -36.91
C LYS A 213 11.01 -2.04 -38.16
N ALA A 214 11.33 -3.33 -38.12
CA ALA A 214 11.83 -4.05 -39.29
C ALA A 214 10.82 -4.06 -40.45
N PHE A 215 9.53 -3.95 -40.12
CA PHE A 215 8.47 -3.97 -41.13
C PHE A 215 8.06 -2.58 -41.62
N THR A 216 8.79 -1.52 -41.23
CA THR A 216 8.37 -0.13 -41.52
C THR A 216 9.54 0.85 -41.81
N ASP B 1 -5.91 60.00 8.04
CA ASP B 1 -6.03 60.03 9.53
C ASP B 1 -6.65 58.73 10.04
N LEU B 2 -7.94 58.53 9.76
CA LEU B 2 -8.63 57.29 10.15
C LEU B 2 -8.38 56.21 9.11
N GLU B 3 -8.29 56.62 7.85
CA GLU B 3 -8.09 55.72 6.72
C GLU B 3 -6.94 54.74 6.97
N LYS B 4 -5.80 55.26 7.40
CA LYS B 4 -4.63 54.42 7.69
C LYS B 4 -4.91 53.35 8.74
N GLY B 5 -5.54 53.75 9.83
CA GLY B 5 -5.88 52.83 10.91
C GLY B 5 -6.70 51.64 10.44
N VAL B 6 -7.68 51.92 9.59
CA VAL B 6 -8.57 50.88 9.08
C VAL B 6 -7.82 50.01 8.06
N VAL B 7 -7.17 50.67 7.11
CA VAL B 7 -6.44 49.97 6.05
C VAL B 7 -5.37 49.03 6.64
N LEU B 8 -4.67 49.47 7.67
CA LEU B 8 -3.69 48.61 8.36
C LEU B 8 -4.36 47.42 9.00
N SER B 9 -5.36 47.67 9.83
CA SER B 9 -6.14 46.61 10.48
C SER B 9 -6.62 45.53 9.49
N ASP B 10 -7.03 45.93 8.29
CA ASP B 10 -7.58 44.97 7.32
C ASP B 10 -6.51 44.21 6.54
N LEU B 11 -5.48 44.92 6.08
CA LEU B 11 -4.41 44.30 5.28
C LEU B 11 -3.40 43.53 6.12
N CYS B 12 -3.07 44.04 7.30
CA CYS B 12 -2.02 43.45 8.14
C CYS B 12 -2.54 42.47 9.20
N ASN B 13 -3.80 42.05 9.10
CA ASN B 13 -4.36 41.08 10.05
C ASN B 13 -5.16 40.00 9.36
N PHE B 14 -4.62 38.80 9.40
CA PHE B 14 -5.26 37.61 8.85
C PHE B 14 -5.95 36.90 10.01
N LEU B 15 -7.19 37.29 10.30
CA LEU B 15 -7.93 36.72 11.42
C LEU B 15 -8.41 35.32 11.13
N VAL B 16 -8.22 34.42 12.09
CA VAL B 16 -8.67 33.04 11.98
C VAL B 16 -9.46 32.68 13.23
N SER B 17 -10.70 32.24 13.03
CA SER B 17 -11.54 31.76 14.12
C SER B 17 -11.88 30.30 13.90
N GLN B 18 -11.59 29.46 14.88
CA GLN B 18 -11.88 28.03 14.79
C GLN B 18 -13.39 27.80 14.85
N THR B 19 -13.87 26.85 14.04
CA THR B 19 -15.29 26.50 13.96
C THR B 19 -15.45 24.99 13.89
N ILE B 20 -16.69 24.52 13.86
CA ILE B 20 -16.98 23.09 13.78
C ILE B 20 -16.51 22.52 12.43
N GLN B 21 -16.87 23.21 11.35
CA GLN B 21 -16.54 22.76 10.00
C GLN B 21 -15.04 22.86 9.74
N GLY B 22 -14.44 23.94 10.21
CA GLY B 22 -12.99 24.16 10.06
C GLY B 22 -12.56 25.48 10.66
N TRP B 23 -12.54 26.53 9.83
CA TRP B 23 -12.16 27.87 10.28
C TRP B 23 -12.97 28.96 9.59
N LYS B 24 -13.07 30.10 10.26
CA LYS B 24 -13.61 31.32 9.69
C LYS B 24 -12.46 32.29 9.55
N VAL B 25 -12.16 32.68 8.33
CA VAL B 25 -11.03 33.57 8.07
C VAL B 25 -11.55 34.92 7.62
N TYR B 26 -10.89 35.99 8.07
CA TYR B 26 -11.25 37.35 7.71
C TYR B 26 -10.00 38.16 7.43
N TRP B 27 -9.88 38.65 6.20
CA TRP B 27 -8.72 39.45 5.80
C TRP B 27 -9.10 40.40 4.66
N ALA B 28 -8.59 41.63 4.74
CA ALA B 28 -8.85 42.68 3.75
C ALA B 28 -10.34 42.91 3.54
N GLY B 29 -11.11 42.77 4.63
CA GLY B 29 -12.56 42.94 4.57
C GLY B 29 -13.32 41.80 3.91
N ILE B 30 -12.65 40.66 3.69
CA ILE B 30 -13.26 39.52 3.02
C ILE B 30 -13.36 38.34 3.97
N GLU B 31 -14.53 37.69 3.98
CA GLU B 31 -14.75 36.49 4.79
C GLU B 31 -14.49 35.24 3.97
N PHE B 32 -13.94 34.21 4.62
CA PHE B 32 -13.74 32.90 4.00
C PHE B 32 -14.17 31.81 4.97
N ASP B 33 -14.72 30.72 4.42
CA ASP B 33 -15.12 29.57 5.22
C ASP B 33 -14.30 28.35 4.82
N VAL B 34 -13.25 28.09 5.59
CA VAL B 34 -12.32 27.01 5.28
C VAL B 34 -12.74 25.74 6.02
N THR B 35 -12.44 24.58 5.43
CA THR B 35 -12.93 23.29 5.95
C THR B 35 -11.86 22.19 5.88
N HIS B 36 -12.08 21.12 6.63
CA HIS B 36 -11.17 19.97 6.69
C HIS B 36 -11.42 18.97 5.56
N LYS B 37 -12.57 19.09 4.89
CA LYS B 37 -13.00 18.12 3.87
C LYS B 37 -11.90 17.84 2.85
N GLY B 38 -11.45 16.58 2.80
CA GLY B 38 -10.45 16.13 1.83
C GLY B 38 -9.08 15.91 2.43
N MET B 39 -8.73 16.68 3.45
CA MET B 39 -7.40 16.60 4.08
C MET B 39 -7.12 15.22 4.65
N ALA B 40 -8.18 14.57 5.16
CA ALA B 40 -8.09 13.20 5.61
C ALA B 40 -7.54 12.30 4.52
N LEU B 41 -8.21 12.32 3.37
CA LEU B 41 -7.81 11.54 2.21
C LEU B 41 -6.43 11.93 1.71
N LEU B 42 -6.18 13.24 1.62
CA LEU B 42 -4.93 13.77 1.09
C LEU B 42 -3.71 13.18 1.78
N HIS B 43 -3.81 12.95 3.09
CA HIS B 43 -2.71 12.37 3.85
C HIS B 43 -2.52 10.90 3.54
N ARG B 44 -3.63 10.17 3.44
CA ARG B 44 -3.58 8.74 3.13
C ARG B 44 -2.95 8.49 1.76
N LEU B 45 -3.24 9.37 0.80
CA LEU B 45 -2.70 9.24 -0.55
C LEU B 45 -1.18 9.37 -0.59
N LYS B 46 -0.63 10.30 0.20
CA LYS B 46 0.81 10.53 0.22
C LYS B 46 1.54 9.37 0.90
N THR B 47 1.15 9.06 2.14
CA THR B 47 1.77 7.99 2.91
C THR B 47 1.48 6.61 2.35
N ASN B 48 0.48 6.51 1.47
CA ASN B 48 0.16 5.27 0.75
C ASN B 48 -0.59 4.26 1.63
N ASP B 49 -1.42 4.76 2.55
CA ASP B 49 -2.25 3.91 3.40
C ASP B 49 -3.71 4.09 3.02
N PHE B 50 -4.08 3.57 1.85
CA PHE B 50 -5.48 3.56 1.44
C PHE B 50 -5.91 2.15 1.01
N ALA B 51 -7.22 1.92 1.04
CA ALA B 51 -7.78 0.60 0.77
C ALA B 51 -7.65 0.13 -0.69
N PRO B 52 -8.12 0.94 -1.66
CA PRO B 52 -8.06 0.47 -3.05
C PRO B 52 -6.62 0.24 -3.55
N ALA B 53 -6.49 -0.46 -4.67
CA ALA B 53 -5.18 -0.82 -5.20
C ALA B 53 -4.40 0.40 -5.68
N TRP B 54 -5.09 1.37 -6.27
CA TRP B 54 -4.44 2.61 -6.71
C TRP B 54 -5.37 3.82 -6.57
N SER B 55 -4.87 5.00 -6.96
CA SER B 55 -5.62 6.25 -6.91
C SER B 55 -5.29 7.09 -8.15
N MET B 56 -6.32 7.55 -8.85
CA MET B 56 -6.12 8.37 -10.05
C MET B 56 -5.43 9.71 -9.73
N THR B 57 -5.81 10.32 -8.61
CA THR B 57 -5.23 11.58 -8.17
C THR B 57 -3.75 11.41 -7.78
N ARG B 58 -3.45 10.32 -7.07
CA ARG B 58 -2.07 10.01 -6.69
C ARG B 58 -1.18 9.75 -7.91
N ASN B 59 -1.75 9.23 -8.98
CA ASN B 59 -1.01 8.99 -10.22
C ASN B 59 -0.76 10.26 -11.01
N LEU B 60 -1.72 11.18 -11.02
CA LEU B 60 -1.60 12.44 -11.75
C LEU B 60 -0.60 13.41 -11.14
N PHE B 61 -0.35 13.30 -9.84
CA PHE B 61 0.53 14.22 -9.12
C PHE B 61 1.58 13.47 -8.32
N PRO B 62 2.48 12.75 -9.02
CA PRO B 62 3.53 11.99 -8.33
C PRO B 62 4.59 12.87 -7.69
N HIS B 63 4.81 14.06 -8.27
CA HIS B 63 5.74 15.03 -7.71
C HIS B 63 5.29 15.59 -6.37
N LEU B 64 4.05 15.30 -5.99
CA LEU B 64 3.54 15.64 -4.67
C LEU B 64 3.42 14.40 -3.78
N PHE B 65 2.70 13.39 -4.26
CA PHE B 65 2.37 12.23 -3.42
C PHE B 65 3.48 11.19 -3.33
N GLN B 66 4.29 11.08 -4.37
CA GLN B 66 5.38 10.10 -4.41
C GLN B 66 6.74 10.79 -4.32
N ASN B 67 6.74 12.02 -3.83
CA ASN B 67 7.95 12.80 -3.64
C ASN B 67 8.30 12.84 -2.15
N PRO B 68 9.47 12.30 -1.75
CA PRO B 68 9.83 12.32 -0.33
C PRO B 68 10.14 13.72 0.20
N ASN B 69 10.48 14.64 -0.68
CA ASN B 69 10.77 16.02 -0.31
C ASN B 69 9.56 16.94 -0.33
N SER B 70 8.38 16.40 -0.63
CA SER B 70 7.14 17.18 -0.55
C SER B 70 6.54 17.02 0.84
N THR B 71 5.77 18.02 1.26
CA THR B 71 5.04 17.96 2.54
C THR B 71 3.66 18.60 2.41
N ILE B 72 2.73 18.12 3.22
CA ILE B 72 1.36 18.63 3.22
C ILE B 72 1.21 19.77 4.22
N GLU B 73 0.53 20.84 3.80
CA GLU B 73 0.21 21.96 4.68
C GLU B 73 -1.30 21.98 4.93
N SER B 74 -1.75 22.85 5.83
CA SER B 74 -3.17 22.95 6.16
C SER B 74 -3.95 23.70 5.08
N PRO B 75 -5.29 23.62 5.11
CA PRO B 75 -6.12 24.40 4.21
C PRO B 75 -5.97 25.91 4.37
N LEU B 76 -5.63 26.35 5.58
CA LEU B 76 -5.36 27.77 5.82
C LEU B 76 -4.19 28.23 4.97
N TRP B 77 -3.13 27.42 4.95
CA TRP B 77 -1.97 27.66 4.10
C TRP B 77 -2.39 27.75 2.64
N ALA B 78 -3.24 26.82 2.21
CA ALA B 78 -3.76 26.81 0.85
C ALA B 78 -4.43 28.14 0.52
N LEU B 79 -5.29 28.61 1.42
CA LEU B 79 -5.98 29.88 1.24
C LEU B 79 -4.99 31.03 1.08
N ARG B 80 -4.00 31.08 1.96
CA ARG B 80 -2.98 32.12 1.91
C ARG B 80 -2.24 32.11 0.58
N VAL B 81 -1.91 30.92 0.09
CA VAL B 81 -1.17 30.78 -1.17
C VAL B 81 -2.01 31.31 -2.33
N ILE B 82 -3.29 30.99 -2.33
CA ILE B 82 -4.21 31.49 -3.37
C ILE B 82 -4.31 33.01 -3.31
N LEU B 83 -4.49 33.54 -2.10
CA LEU B 83 -4.55 34.98 -1.90
C LEU B 83 -3.25 35.64 -2.37
N ALA B 84 -2.12 35.09 -1.94
CA ALA B 84 -0.82 35.58 -2.38
C ALA B 84 -0.69 35.52 -3.90
N ALA B 85 -1.18 34.43 -4.49
CA ALA B 85 -1.14 34.23 -5.94
C ALA B 85 -2.03 35.23 -6.69
N GLY B 86 -3.20 35.50 -6.12
CA GLY B 86 -4.11 36.49 -6.69
C GLY B 86 -3.49 37.85 -6.83
N ILE B 87 -2.77 38.26 -5.79
CA ILE B 87 -2.02 39.52 -5.80
C ILE B 87 -0.92 39.45 -6.86
N GLN B 88 -0.17 38.36 -6.83
CA GLN B 88 0.97 38.19 -7.72
C GLN B 88 0.57 38.15 -9.19
N ASP B 89 -0.58 37.54 -9.47
CA ASP B 89 -1.05 37.37 -10.85
C ASP B 89 -1.60 38.68 -11.41
N GLN B 90 -2.72 39.14 -10.85
CA GLN B 90 -3.49 40.22 -11.44
C GLN B 90 -2.74 41.56 -11.43
N LEU B 91 -1.94 41.79 -10.40
CA LEU B 91 -1.37 43.11 -10.13
C LEU B 91 0.09 43.27 -10.54
N ILE B 92 0.96 42.48 -9.92
CA ILE B 92 2.41 42.69 -10.00
C ILE B 92 2.97 42.48 -11.43
N ASP B 93 2.24 41.73 -12.26
CA ASP B 93 2.66 41.51 -13.64
C ASP B 93 2.73 42.79 -14.49
N GLN B 94 1.80 43.72 -14.25
CA GLN B 94 1.76 44.98 -14.99
C GLN B 94 2.82 45.95 -14.44
N SER B 95 3.17 46.96 -15.23
CA SER B 95 4.15 47.96 -14.83
C SER B 95 3.49 49.12 -14.10
N LEU B 96 3.66 49.15 -12.77
CA LEU B 96 3.13 50.23 -11.92
C LEU B 96 4.24 50.76 -11.01
N ILE B 97 3.94 51.84 -10.28
CA ILE B 97 4.92 52.54 -9.45
C ILE B 97 5.59 51.58 -8.46
N GLU B 98 6.91 51.71 -8.30
CA GLU B 98 7.74 50.70 -7.61
C GLU B 98 7.39 50.51 -6.12
N PRO B 99 7.12 51.60 -5.39
CA PRO B 99 6.70 51.45 -3.99
C PRO B 99 5.36 50.72 -3.79
N LEU B 100 4.49 50.77 -4.80
CA LEU B 100 3.22 50.04 -4.77
C LEU B 100 3.46 48.54 -5.00
N ALA B 101 4.33 48.22 -5.95
CA ALA B 101 4.70 46.83 -6.24
C ALA B 101 5.39 46.19 -5.03
N GLY B 102 6.30 46.93 -4.41
CA GLY B 102 6.98 46.46 -3.22
C GLY B 102 6.03 46.22 -2.05
N ALA B 103 4.97 47.03 -1.99
CA ALA B 103 3.96 46.89 -0.95
C ALA B 103 3.15 45.61 -1.16
N LEU B 104 2.65 45.43 -2.38
CA LEU B 104 1.92 44.22 -2.73
C LEU B 104 2.82 42.99 -2.62
N GLY B 105 4.08 43.13 -3.04
CA GLY B 105 5.06 42.06 -2.94
C GLY B 105 5.30 41.61 -1.52
N LEU B 106 5.51 42.57 -0.62
CA LEU B 106 5.67 42.27 0.80
C LEU B 106 4.47 41.52 1.36
N ILE B 107 3.27 42.01 1.03
CA ILE B 107 2.05 41.43 1.56
C ILE B 107 1.85 40.00 1.06
N SER B 108 2.12 39.77 -0.23
CA SER B 108 2.04 38.42 -0.77
C SER B 108 3.12 37.52 -0.16
N ASP B 109 4.30 38.07 0.08
CA ASP B 109 5.39 37.33 0.75
C ASP B 109 5.05 36.99 2.20
N TRP B 110 4.35 37.88 2.89
CA TRP B 110 3.89 37.60 4.25
C TRP B 110 2.88 36.46 4.27
N LEU B 111 1.91 36.53 3.36
CA LEU B 111 0.89 35.49 3.22
C LEU B 111 1.51 34.15 2.83
N LEU B 112 2.42 34.20 1.86
CA LEU B 112 2.96 32.98 1.24
C LEU B 112 3.98 32.27 2.12
N THR B 113 4.86 33.02 2.79
CA THR B 113 6.00 32.47 3.50
C THR B 113 5.69 32.13 4.94
N THR B 114 4.95 33.01 5.62
CA THR B 114 4.66 32.83 7.04
C THR B 114 3.26 32.31 7.29
N ASN B 115 2.99 31.98 8.55
CA ASN B 115 1.67 31.58 9.01
C ASN B 115 1.18 32.51 10.11
N THR B 116 1.79 33.70 10.17
CA THR B 116 1.50 34.68 11.21
C THR B 116 0.24 35.46 10.86
N ASN B 117 -0.61 35.68 11.87
CA ASN B 117 -1.88 36.36 11.68
C ASN B 117 -1.73 37.88 11.67
N HIS B 118 -0.63 38.38 12.24
CA HIS B 118 -0.34 39.81 12.19
C HIS B 118 0.93 40.07 11.39
N PHE B 119 0.93 41.17 10.64
CA PHE B 119 2.07 41.59 9.83
C PHE B 119 2.56 42.94 10.32
N ASN B 120 3.61 42.92 11.14
CA ASN B 120 4.22 44.15 11.63
C ASN B 120 5.09 44.76 10.53
N MET B 121 4.52 45.69 9.78
CA MET B 121 5.18 46.27 8.61
C MET B 121 6.25 47.26 9.04
N ARG B 122 7.51 46.86 8.92
CA ARG B 122 8.64 47.67 9.37
C ARG B 122 9.30 48.47 8.25
N THR B 123 9.07 48.08 6.99
CA THR B 123 9.55 48.87 5.85
C THR B 123 8.71 50.15 5.78
N GLN B 124 9.36 51.31 5.86
CA GLN B 124 8.66 52.59 6.00
C GLN B 124 8.10 53.13 4.69
N ARG B 125 8.85 52.98 3.61
CA ARG B 125 8.40 53.49 2.31
C ARG B 125 7.06 52.88 1.91
N VAL B 126 6.91 51.57 2.11
CA VAL B 126 5.62 50.89 1.89
C VAL B 126 4.55 51.37 2.88
N LYS B 127 4.91 51.50 4.15
CA LYS B 127 3.93 51.82 5.21
C LYS B 127 3.13 53.10 4.90
N GLU B 128 3.77 54.06 4.25
CA GLU B 128 3.09 55.28 3.81
C GLU B 128 2.21 55.04 2.59
N GLN B 129 2.58 54.06 1.77
CA GLN B 129 1.84 53.72 0.56
C GLN B 129 0.44 53.17 0.85
N LEU B 130 0.26 52.55 2.03
CA LEU B 130 -1.01 51.91 2.38
C LEU B 130 -2.18 52.88 2.39
N SER B 131 -2.98 52.83 1.33
CA SER B 131 -4.17 53.68 1.19
C SER B 131 -5.42 52.81 1.04
N LEU B 132 -6.58 53.47 0.99
CA LEU B 132 -7.84 52.81 0.72
C LEU B 132 -7.89 52.35 -0.75
N LYS B 133 -7.24 53.11 -1.63
CA LYS B 133 -7.15 52.75 -3.04
C LYS B 133 -6.39 51.44 -3.18
N MET B 134 -5.34 51.29 -2.39
CA MET B 134 -4.54 50.07 -2.38
C MET B 134 -5.37 48.87 -1.91
N LEU B 135 -6.10 49.05 -0.82
CA LEU B 135 -6.99 48.00 -0.31
C LEU B 135 -8.06 47.65 -1.34
N SER B 136 -8.67 48.67 -1.94
CA SER B 136 -9.70 48.47 -2.95
C SER B 136 -9.15 47.68 -4.13
N LEU B 137 -7.93 48.04 -4.53
CA LEU B 137 -7.26 47.38 -5.65
C LEU B 137 -7.04 45.90 -5.35
N ILE B 138 -6.55 45.59 -4.16
CA ILE B 138 -6.35 44.21 -3.73
C ILE B 138 -7.66 43.43 -3.76
N ARG B 139 -8.68 43.96 -3.08
CA ARG B 139 -9.96 43.29 -2.96
C ARG B 139 -10.51 42.84 -4.31
N SER B 140 -10.56 43.76 -5.27
CA SER B 140 -11.11 43.45 -6.58
C SER B 140 -10.29 42.38 -7.29
N ASN B 141 -8.97 42.49 -7.19
CA ASN B 141 -8.07 41.54 -7.84
C ASN B 141 -8.01 40.15 -7.17
N ILE B 142 -8.41 40.08 -5.90
CA ILE B 142 -8.62 38.79 -5.25
C ILE B 142 -9.88 38.14 -5.81
N LEU B 143 -10.94 38.92 -5.94
CA LEU B 143 -12.21 38.42 -6.46
C LEU B 143 -12.08 37.97 -7.91
N LYS B 144 -11.33 38.73 -8.71
CA LYS B 144 -11.07 38.36 -10.10
C LYS B 144 -10.36 37.01 -10.18
N PHE B 145 -9.34 36.84 -9.36
CA PHE B 145 -8.59 35.59 -9.34
C PHE B 145 -9.44 34.40 -8.89
N ILE B 146 -10.37 34.65 -7.97
CA ILE B 146 -11.27 33.60 -7.51
C ILE B 146 -12.24 33.19 -8.61
N ASN B 147 -12.78 34.17 -9.33
CA ASN B 147 -13.63 33.88 -10.50
C ASN B 147 -12.84 33.19 -11.60
N LYS B 148 -11.58 33.57 -11.75
CA LYS B 148 -10.68 32.93 -12.69
C LYS B 148 -10.47 31.46 -12.33
N LEU B 149 -10.37 31.17 -11.02
CA LEU B 149 -10.24 29.80 -10.54
C LEU B 149 -11.52 29.02 -10.70
N ASP B 150 -12.65 29.67 -10.50
CA ASP B 150 -13.96 29.04 -10.65
C ASP B 150 -14.20 28.66 -12.13
N ALA B 151 -13.56 29.38 -13.04
CA ALA B 151 -13.65 29.11 -14.48
C ALA B 151 -12.91 27.82 -14.90
N LEU B 152 -12.05 27.30 -14.04
CA LEU B 152 -11.33 26.06 -14.33
C LEU B 152 -12.27 24.85 -14.31
N HIS B 153 -11.95 23.86 -15.15
CA HIS B 153 -12.67 22.59 -15.16
C HIS B 153 -11.84 21.52 -14.46
N VAL B 154 -12.48 20.46 -13.98
CA VAL B 154 -11.78 19.38 -13.29
C VAL B 154 -10.83 18.69 -14.25
N VAL B 155 -9.67 18.25 -13.75
CA VAL B 155 -8.66 17.61 -14.58
C VAL B 155 -9.32 16.62 -15.53
N ASN B 156 -9.06 16.79 -16.82
CA ASN B 156 -9.65 15.94 -17.85
C ASN B 156 -8.66 15.65 -18.96
N TYR B 157 -9.06 14.81 -19.91
CA TYR B 157 -8.21 14.46 -21.05
C TYR B 157 -8.74 15.07 -22.35
N ASN B 158 -9.45 16.20 -22.23
CA ASN B 158 -9.79 17.06 -23.36
C ASN B 158 -8.85 18.25 -23.36
N GLY B 159 -9.15 19.26 -24.19
CA GLY B 159 -8.37 20.49 -24.21
C GLY B 159 -8.80 21.54 -23.19
N LEU B 160 -9.74 21.18 -22.31
CA LEU B 160 -10.27 22.12 -21.32
C LEU B 160 -9.26 22.46 -20.23
N LEU B 161 -9.02 23.77 -20.04
CA LEU B 161 -8.08 24.26 -19.03
C LEU B 161 -8.50 23.85 -17.62
N SER B 162 -7.56 23.28 -16.87
CA SER B 162 -7.84 22.78 -15.53
C SER B 162 -6.89 23.29 -14.43
N SER B 163 -5.91 24.12 -14.80
CA SER B 163 -4.96 24.65 -13.82
C SER B 163 -4.44 26.04 -14.17
N ILE B 164 -3.75 26.65 -13.21
CA ILE B 164 -3.16 27.97 -13.38
C ILE B 164 -1.81 28.02 -12.66
N GLU B 165 -0.80 28.55 -13.35
CA GLU B 165 0.55 28.62 -12.82
C GLU B 165 0.96 30.08 -12.69
N ILE B 166 1.53 30.44 -11.54
CA ILE B 166 2.08 31.77 -11.31
C ILE B 166 3.55 31.65 -10.96
N GLY B 167 4.41 32.19 -11.82
CA GLY B 167 5.86 32.14 -11.62
C GLY B 167 6.42 33.47 -11.14
N THR B 168 6.96 33.47 -9.91
CA THR B 168 7.63 34.63 -9.37
C THR B 168 9.13 34.42 -9.50
N GLN B 169 9.92 35.37 -8.99
CA GLN B 169 11.37 35.25 -8.99
C GLN B 169 11.81 34.08 -8.11
N ASN B 170 11.16 33.90 -6.97
CA ASN B 170 11.55 32.91 -5.98
C ASN B 170 10.59 31.73 -5.81
N HIS B 171 9.50 31.71 -6.56
CA HIS B 171 8.46 30.68 -6.40
C HIS B 171 7.75 30.31 -7.70
N THR B 172 7.06 29.18 -7.65
CA THR B 172 6.12 28.77 -8.68
C THR B 172 4.91 28.19 -7.97
N ILE B 173 3.78 28.89 -8.08
CA ILE B 173 2.53 28.42 -7.52
C ILE B 173 1.73 27.76 -8.62
N ILE B 174 1.16 26.59 -8.35
CA ILE B 174 0.29 25.92 -9.31
C ILE B 174 -0.99 25.49 -8.59
N ILE B 175 -2.12 25.88 -9.15
CA ILE B 175 -3.43 25.55 -8.59
C ILE B 175 -4.20 24.75 -9.62
N THR B 176 -4.47 23.47 -9.31
CA THR B 176 -5.16 22.58 -10.23
C THR B 176 -6.49 22.13 -9.65
N ARG B 177 -7.53 22.11 -10.48
CA ARG B 177 -8.87 21.71 -10.03
C ARG B 177 -9.06 20.20 -10.18
N THR B 178 -9.41 19.54 -9.09
CA THR B 178 -9.63 18.09 -9.08
C THR B 178 -11.00 17.76 -8.50
N ASN B 179 -11.32 16.47 -8.40
CA ASN B 179 -12.56 16.01 -7.78
C ASN B 179 -12.60 16.28 -6.29
N MET B 180 -11.42 16.28 -5.65
CA MET B 180 -11.28 16.59 -4.23
C MET B 180 -11.56 18.08 -4.00
N GLY B 181 -11.07 18.91 -4.92
CA GLY B 181 -11.15 20.36 -4.82
C GLY B 181 -9.96 20.96 -5.52
N PHE B 182 -9.60 22.19 -5.14
CA PHE B 182 -8.44 22.84 -5.72
C PHE B 182 -7.17 22.35 -5.05
N LEU B 183 -6.30 21.71 -5.82
CA LEU B 183 -5.01 21.28 -5.32
C LEU B 183 -4.01 22.42 -5.50
N VAL B 184 -3.65 23.06 -4.39
CA VAL B 184 -2.69 24.17 -4.38
C VAL B 184 -1.31 23.60 -4.06
N GLU B 185 -0.30 23.99 -4.83
CA GLU B 185 1.07 23.53 -4.61
C GLU B 185 2.07 24.62 -4.88
N LEU B 186 3.16 24.59 -4.12
CA LEU B 186 4.21 25.60 -4.20
C LEU B 186 5.54 24.90 -4.44
N GLN B 187 6.20 25.25 -5.54
CA GLN B 187 7.51 24.69 -5.89
C GLN B 187 8.54 25.79 -5.97
N GLU B 188 9.78 25.39 -6.21
CA GLU B 188 10.86 26.32 -6.53
C GLU B 188 10.59 26.94 -7.91
N PRO B 189 11.21 28.08 -8.22
CA PRO B 189 10.91 28.74 -9.49
C PRO B 189 11.39 27.96 -10.72
N ASP B 190 12.34 27.05 -10.55
CA ASP B 190 12.78 26.15 -11.63
C ASP B 190 11.96 24.86 -11.71
N LYS B 191 10.92 24.75 -10.87
CA LYS B 191 10.07 23.56 -10.79
C LYS B 191 10.87 22.29 -10.57
N SER B 192 11.75 22.33 -9.57
CA SER B 192 12.66 21.22 -9.27
C SER B 192 11.92 19.97 -8.79
N ALA B 193 10.70 20.14 -8.28
CA ALA B 193 9.90 19.02 -7.81
C ALA B 193 9.52 18.06 -8.95
N MET B 194 9.43 18.58 -10.17
CA MET B 194 9.07 17.76 -11.35
C MET B 194 10.17 16.79 -11.77
N ASN B 195 11.42 17.11 -11.46
CA ASN B 195 12.54 16.22 -11.76
C ASN B 195 12.36 14.83 -11.17
N ARG B 196 12.06 13.88 -12.05
CA ARG B 196 11.71 12.52 -11.66
C ARG B 196 12.83 11.76 -10.98
N MET B 197 14.08 12.04 -11.39
CA MET B 197 15.24 11.34 -10.84
C MET B 197 15.53 11.78 -9.41
N LYS B 198 15.96 13.03 -9.24
CA LYS B 198 16.18 13.61 -7.92
C LYS B 198 15.20 14.77 -7.74
N PRO B 199 14.04 14.51 -7.10
CA PRO B 199 12.99 15.51 -7.01
C PRO B 199 13.27 16.59 -5.96
N GLY B 200 12.98 17.84 -6.33
CA GLY B 200 13.13 18.97 -5.42
C GLY B 200 11.97 19.11 -4.46
N PRO B 201 12.00 20.15 -3.61
CA PRO B 201 11.00 20.34 -2.56
C PRO B 201 9.70 20.90 -3.10
N ALA B 202 8.61 20.65 -2.37
CA ALA B 202 7.29 21.16 -2.74
C ALA B 202 6.30 21.07 -1.58
N LYS B 203 5.75 22.20 -1.16
CA LYS B 203 4.65 22.22 -0.20
C LYS B 203 3.36 22.16 -1.01
N PHE B 204 2.34 21.47 -0.49
CA PHE B 204 1.03 21.43 -1.14
C PHE B 204 -0.11 21.14 -0.17
N SER B 205 -1.33 21.42 -0.60
CA SER B 205 -2.51 21.26 0.23
C SER B 205 -3.77 21.31 -0.64
N LEU B 206 -4.93 21.22 0.00
CA LEU B 206 -6.21 21.22 -0.68
C LEU B 206 -7.09 22.35 -0.16
N LEU B 207 -7.70 23.11 -1.07
CA LEU B 207 -8.75 24.05 -0.72
C LEU B 207 -10.07 23.51 -1.28
N HIS B 208 -10.98 23.14 -0.40
CA HIS B 208 -12.24 22.54 -0.79
C HIS B 208 -13.10 23.49 -1.63
N GLU B 209 -13.91 22.92 -2.51
CA GLU B 209 -14.74 23.68 -3.45
C GLU B 209 -15.55 24.78 -2.76
N SER B 210 -16.16 24.43 -1.63
CA SER B 210 -17.09 25.30 -0.91
C SER B 210 -16.54 26.70 -0.62
N THR B 211 -15.27 26.80 -0.27
CA THR B 211 -14.67 28.09 0.09
C THR B 211 -14.80 29.13 -1.02
N LEU B 212 -14.63 28.69 -2.27
CA LEU B 212 -14.72 29.57 -3.45
C LEU B 212 -16.14 29.71 -3.97
N LYS B 213 -16.94 28.66 -3.83
CA LYS B 213 -18.30 28.65 -4.38
C LYS B 213 -19.23 29.70 -3.77
N ALA B 214 -18.87 30.20 -2.58
CA ALA B 214 -19.59 31.31 -1.97
C ALA B 214 -19.52 32.59 -2.81
N PHE B 215 -18.48 32.73 -3.62
CA PHE B 215 -18.30 33.89 -4.47
C PHE B 215 -18.87 33.65 -5.86
N ASP C 1 -9.92 -13.98 56.84
CA ASP C 1 -11.09 -14.86 57.09
C ASP C 1 -12.22 -14.56 56.11
N LEU C 2 -12.85 -13.39 56.26
CA LEU C 2 -13.90 -12.96 55.34
C LEU C 2 -13.29 -12.30 54.12
N GLU C 3 -12.18 -11.59 54.33
CA GLU C 3 -11.48 -10.86 53.27
C GLU C 3 -11.25 -11.73 52.04
N LYS C 4 -10.71 -12.94 52.24
CA LYS C 4 -10.44 -13.86 51.12
C LYS C 4 -11.70 -14.18 50.33
N GLY C 5 -12.77 -14.51 51.03
CA GLY C 5 -14.05 -14.85 50.40
C GLY C 5 -14.54 -13.77 49.46
N VAL C 6 -14.45 -12.51 49.92
CA VAL C 6 -14.91 -11.38 49.13
C VAL C 6 -13.96 -11.13 47.96
N VAL C 7 -12.67 -11.06 48.26
CA VAL C 7 -11.64 -10.80 47.26
C VAL C 7 -11.70 -11.82 46.11
N LEU C 8 -11.90 -13.09 46.44
CA LEU C 8 -12.04 -14.14 45.43
C LEU C 8 -13.28 -13.88 44.58
N SER C 9 -14.43 -13.73 45.23
CA SER C 9 -15.68 -13.43 44.53
C SER C 9 -15.56 -12.28 43.53
N ASP C 10 -14.82 -11.24 43.89
CA ASP C 10 -14.73 -10.05 43.04
C ASP C 10 -13.72 -10.21 41.91
N LEU C 11 -12.55 -10.75 42.20
CA LEU C 11 -11.50 -10.92 41.18
C LEU C 11 -11.72 -12.10 40.25
N CYS C 12 -12.24 -13.20 40.78
CA CYS C 12 -12.40 -14.44 40.00
C CYS C 12 -13.78 -14.62 39.36
N ASN C 13 -14.60 -13.57 39.35
CA ASN C 13 -15.92 -13.64 38.74
C ASN C 13 -16.23 -12.44 37.88
N PHE C 14 -16.30 -12.67 36.57
CA PHE C 14 -16.64 -11.66 35.60
C PHE C 14 -18.13 -11.82 35.28
N LEU C 15 -18.97 -11.17 36.07
CA LEU C 15 -20.42 -11.30 35.91
C LEU C 15 -20.92 -10.54 34.70
N VAL C 16 -21.78 -11.17 33.92
CA VAL C 16 -22.39 -10.55 32.76
C VAL C 16 -23.91 -10.74 32.82
N SER C 17 -24.65 -9.64 32.77
CA SER C 17 -26.11 -9.68 32.73
C SER C 17 -26.60 -9.03 31.44
N GLN C 18 -27.40 -9.76 30.68
CA GLN C 18 -27.95 -9.25 29.42
C GLN C 18 -28.96 -8.15 29.69
N THR C 19 -28.94 -7.10 28.87
CA THR C 19 -29.86 -5.97 29.00
C THR C 19 -30.36 -5.54 27.62
N ILE C 20 -31.21 -4.53 27.58
CA ILE C 20 -31.76 -4.03 26.31
C ILE C 20 -30.67 -3.38 25.46
N GLN C 21 -29.86 -2.53 26.10
CA GLN C 21 -28.81 -1.79 25.40
C GLN C 21 -27.69 -2.73 24.98
N GLY C 22 -27.34 -3.67 25.86
CA GLY C 22 -26.30 -4.65 25.57
C GLY C 22 -26.08 -5.60 26.74
N TRP C 23 -25.13 -5.24 27.61
CA TRP C 23 -24.83 -6.03 28.80
C TRP C 23 -24.49 -5.16 29.99
N LYS C 24 -24.70 -5.72 31.18
CA LYS C 24 -24.23 -5.13 32.43
C LYS C 24 -23.13 -6.05 32.95
N VAL C 25 -21.92 -5.52 33.06
CA VAL C 25 -20.78 -6.30 33.52
C VAL C 25 -20.36 -5.83 34.90
N TYR C 26 -19.97 -6.78 35.74
CA TYR C 26 -19.52 -6.48 37.09
C TYR C 26 -18.30 -7.34 37.43
N TRP C 27 -17.18 -6.69 37.69
CA TRP C 27 -15.94 -7.38 38.03
C TRP C 27 -15.05 -6.49 38.88
N ALA C 28 -14.43 -7.11 39.90
CA ALA C 28 -13.55 -6.41 40.84
C ALA C 28 -14.24 -5.22 41.51
N GLY C 29 -15.55 -5.35 41.74
CA GLY C 29 -16.34 -4.29 42.35
C GLY C 29 -16.66 -3.11 41.43
N ILE C 30 -16.41 -3.28 40.13
CA ILE C 30 -16.63 -2.21 39.15
C ILE C 30 -17.75 -2.59 38.20
N GLU C 31 -18.66 -1.65 37.96
CA GLU C 31 -19.75 -1.86 37.01
C GLU C 31 -19.35 -1.31 35.65
N PHE C 32 -19.81 -1.99 34.60
CA PHE C 32 -19.63 -1.51 33.23
C PHE C 32 -20.92 -1.67 32.46
N ASP C 33 -21.19 -0.72 31.56
CA ASP C 33 -22.37 -0.78 30.71
C ASP C 33 -21.93 -0.91 29.25
N VAL C 34 -21.95 -2.15 28.77
CA VAL C 34 -21.50 -2.46 27.42
C VAL C 34 -22.68 -2.43 26.47
N THR C 35 -22.43 -2.06 25.21
CA THR C 35 -23.49 -1.83 24.23
C THR C 35 -23.13 -2.39 22.85
N HIS C 36 -24.16 -2.55 22.01
CA HIS C 36 -23.99 -3.06 20.65
C HIS C 36 -23.61 -1.97 19.65
N LYS C 37 -23.77 -0.71 20.05
CA LYS C 37 -23.57 0.44 19.16
C LYS C 37 -22.23 0.37 18.41
N GLY C 38 -22.30 0.28 17.08
CA GLY C 38 -21.12 0.27 16.23
C GLY C 38 -20.81 -1.10 15.64
N MET C 39 -21.13 -2.16 16.39
CA MET C 39 -20.83 -3.53 15.96
C MET C 39 -21.51 -3.88 14.64
N ALA C 40 -22.71 -3.34 14.45
CA ALA C 40 -23.43 -3.46 13.19
C ALA C 40 -22.56 -2.99 12.02
N LEU C 41 -22.10 -1.74 12.13
CA LEU C 41 -21.24 -1.14 11.12
C LEU C 41 -19.91 -1.89 10.98
N LEU C 42 -19.31 -2.23 12.11
CA LEU C 42 -18.00 -2.89 12.14
C LEU C 42 -17.97 -4.15 11.28
N HIS C 43 -19.06 -4.91 11.27
CA HIS C 43 -19.16 -6.12 10.47
C HIS C 43 -19.27 -5.79 8.97
N ARG C 44 -20.07 -4.78 8.63
CA ARG C 44 -20.25 -4.37 7.24
C ARG C 44 -18.94 -3.87 6.63
N LEU C 45 -18.13 -3.19 7.43
CA LEU C 45 -16.83 -2.68 6.97
C LEU C 45 -15.86 -3.79 6.58
N LYS C 46 -15.83 -4.87 7.38
CA LYS C 46 -14.92 -5.98 7.12
C LYS C 46 -15.36 -6.77 5.88
N THR C 47 -16.60 -7.23 5.88
CA THR C 47 -17.14 -8.01 4.76
C THR C 47 -17.32 -7.19 3.48
N ASN C 48 -17.30 -5.86 3.62
CA ASN C 48 -17.36 -4.94 2.48
C ASN C 48 -18.76 -4.84 1.91
N PRO C 52 -18.45 2.31 2.44
CA PRO C 52 -18.23 3.37 1.46
C PRO C 52 -18.42 4.76 2.07
N ALA C 53 -19.56 5.00 2.69
CA ALA C 53 -19.85 6.28 3.34
C ALA C 53 -18.90 6.54 4.51
N TRP C 54 -18.58 5.47 5.24
CA TRP C 54 -17.67 5.51 6.37
C TRP C 54 -16.43 4.68 6.03
N SER C 55 -15.81 5.01 4.90
CA SER C 55 -14.73 4.20 4.37
C SER C 55 -13.37 4.63 4.91
N MET C 56 -13.32 5.74 5.63
CA MET C 56 -12.07 6.24 6.21
C MET C 56 -11.48 5.25 7.19
N THR C 57 -12.35 4.71 8.04
CA THR C 57 -11.93 3.77 9.07
C THR C 57 -11.41 2.47 8.46
N ARG C 58 -12.09 1.98 7.43
CA ARG C 58 -11.67 0.77 6.73
C ARG C 58 -10.30 0.96 6.05
N ASN C 59 -10.00 2.19 5.63
CA ASN C 59 -8.73 2.50 4.99
C ASN C 59 -7.58 2.61 6.00
N LEU C 60 -7.87 3.15 7.18
CA LEU C 60 -6.86 3.33 8.22
C LEU C 60 -6.43 2.01 8.88
N PHE C 61 -7.29 1.01 8.85
CA PHE C 61 -7.02 -0.27 9.51
C PHE C 61 -7.21 -1.44 8.56
N PRO C 62 -6.38 -1.53 7.51
CA PRO C 62 -6.51 -2.61 6.54
C PRO C 62 -6.08 -3.97 7.10
N HIS C 63 -5.16 -3.95 8.06
CA HIS C 63 -4.71 -5.16 8.74
C HIS C 63 -5.81 -5.81 9.59
N LEU C 64 -6.93 -5.10 9.76
CA LEU C 64 -8.11 -5.64 10.42
C LEU C 64 -9.22 -5.94 9.42
N PHE C 65 -9.61 -4.92 8.64
CA PHE C 65 -10.77 -5.03 7.77
C PHE C 65 -10.51 -5.74 6.44
N GLN C 66 -9.29 -5.62 5.94
CA GLN C 66 -8.91 -6.23 4.66
C GLN C 66 -7.96 -7.42 4.87
N ASN C 67 -7.95 -7.95 6.09
CA ASN C 67 -7.13 -9.10 6.45
C ASN C 67 -8.02 -10.33 6.57
N PRO C 68 -7.77 -11.36 5.74
CA PRO C 68 -8.61 -12.57 5.82
C PRO C 68 -8.39 -13.37 7.10
N ASN C 69 -7.24 -13.20 7.75
CA ASN C 69 -6.93 -13.89 9.01
C ASN C 69 -7.35 -13.14 10.26
N SER C 70 -7.99 -11.98 10.08
CA SER C 70 -8.55 -11.26 11.22
C SER C 70 -9.99 -11.69 11.44
N THR C 71 -10.45 -11.58 12.69
CA THR C 71 -11.84 -11.88 13.03
C THR C 71 -12.37 -10.89 14.07
N ILE C 72 -13.69 -10.65 14.02
CA ILE C 72 -14.33 -9.72 14.93
C ILE C 72 -14.82 -10.46 16.17
N GLU C 73 -14.58 -9.87 17.34
CA GLU C 73 -15.08 -10.40 18.60
C GLU C 73 -16.15 -9.46 19.14
N SER C 74 -16.82 -9.88 20.22
CA SER C 74 -17.89 -9.07 20.80
C SER C 74 -17.33 -7.91 21.63
N PRO C 75 -18.18 -6.93 21.97
CA PRO C 75 -17.77 -5.84 22.87
C PRO C 75 -17.34 -6.32 24.26
N LEU C 76 -17.89 -7.44 24.72
CA LEU C 76 -17.47 -8.03 25.99
C LEU C 76 -15.99 -8.41 25.94
N TRP C 77 -15.60 -9.04 24.85
CA TRP C 77 -14.19 -9.36 24.60
C TRP C 77 -13.34 -8.10 24.64
N ALA C 78 -13.83 -7.04 23.98
CA ALA C 78 -13.13 -5.76 23.96
C ALA C 78 -12.87 -5.26 25.38
N LEU C 79 -13.92 -5.30 26.21
CA LEU C 79 -13.81 -4.88 27.60
C LEU C 79 -12.75 -5.69 28.34
N ARG C 80 -12.79 -7.00 28.18
CA ARG C 80 -11.81 -7.88 28.84
C ARG C 80 -10.38 -7.56 28.42
N VAL C 81 -10.19 -7.28 27.13
CA VAL C 81 -8.87 -6.96 26.62
C VAL C 81 -8.35 -5.66 27.23
N ILE C 82 -9.23 -4.66 27.33
CA ILE C 82 -8.86 -3.39 27.96
C ILE C 82 -8.51 -3.59 29.43
N LEU C 83 -9.33 -4.34 30.14
CA LEU C 83 -9.08 -4.64 31.53
C LEU C 83 -7.76 -5.38 31.69
N ALA C 84 -7.56 -6.42 30.86
CA ALA C 84 -6.30 -7.15 30.85
C ALA C 84 -5.12 -6.24 30.57
N ALA C 85 -5.31 -5.32 29.62
CA ALA C 85 -4.27 -4.37 29.24
C ALA C 85 -3.97 -3.37 30.36
N GLY C 86 -5.00 -2.93 31.07
CA GLY C 86 -4.84 -2.02 32.20
C GLY C 86 -3.94 -2.60 33.27
N ILE C 87 -4.15 -3.88 33.57
CA ILE C 87 -3.32 -4.60 34.52
C ILE C 87 -1.89 -4.69 33.97
N GLN C 88 -1.79 -5.10 32.71
CA GLN C 88 -0.49 -5.33 32.07
C GLN C 88 0.33 -4.06 31.96
N ASP C 89 -0.34 -2.93 31.72
CA ASP C 89 0.33 -1.65 31.54
C ASP C 89 0.80 -1.07 32.87
N GLN C 90 -0.15 -0.70 33.72
CA GLN C 90 0.14 0.10 34.92
C GLN C 90 0.98 -0.65 35.96
N LEU C 91 0.79 -1.96 36.05
CA LEU C 91 1.32 -2.74 37.15
C LEU C 91 2.55 -3.57 36.80
N ILE C 92 2.39 -4.49 35.86
CA ILE C 92 3.40 -5.52 35.60
C ILE C 92 4.72 -4.96 35.04
N ASP C 93 4.67 -3.77 34.45
CA ASP C 93 5.88 -3.11 33.92
C ASP C 93 6.92 -2.79 35.01
N GLN C 94 6.46 -2.41 36.20
CA GLN C 94 7.36 -2.07 37.31
C GLN C 94 7.88 -3.36 37.96
N SER C 95 8.98 -3.23 38.70
CA SER C 95 9.59 -4.37 39.40
C SER C 95 8.99 -4.54 40.80
N LEU C 96 8.12 -5.55 40.94
CA LEU C 96 7.51 -5.88 42.23
C LEU C 96 7.67 -7.37 42.51
N ILE C 97 7.28 -7.79 43.72
CA ILE C 97 7.47 -9.17 44.17
C ILE C 97 6.86 -10.19 43.19
N GLU C 98 7.59 -11.27 42.94
CA GLU C 98 7.28 -12.20 41.84
C GLU C 98 5.92 -12.91 41.95
N PRO C 99 5.53 -13.34 43.16
CA PRO C 99 4.21 -13.95 43.33
C PRO C 99 3.04 -12.98 43.07
N LEU C 100 3.26 -11.69 43.26
CA LEU C 100 2.24 -10.68 42.96
C LEU C 100 2.11 -10.48 41.45
N ALA C 101 3.25 -10.43 40.76
CA ALA C 101 3.26 -10.30 39.29
C ALA C 101 2.60 -11.50 38.63
N GLY C 102 2.91 -12.70 39.14
CA GLY C 102 2.32 -13.94 38.63
C GLY C 102 0.82 -13.97 38.85
N ALA C 103 0.37 -13.36 39.94
CA ALA C 103 -1.06 -13.28 40.25
C ALA C 103 -1.77 -12.37 39.27
N LEU C 104 -1.24 -11.17 39.09
CA LEU C 104 -1.78 -10.21 38.12
C LEU C 104 -1.69 -10.76 36.71
N GLY C 105 -0.58 -11.43 36.40
CA GLY C 105 -0.37 -12.05 35.10
C GLY C 105 -1.41 -13.10 34.78
N LEU C 106 -1.65 -14.00 35.74
CA LEU C 106 -2.69 -15.01 35.59
C LEU C 106 -4.06 -14.40 35.34
N ILE C 107 -4.39 -13.38 36.11
CA ILE C 107 -5.70 -12.73 36.01
C ILE C 107 -5.87 -12.06 34.66
N SER C 108 -4.84 -11.37 34.18
CA SER C 108 -4.89 -10.75 32.86
C SER C 108 -4.96 -11.80 31.76
N ASP C 109 -4.25 -12.92 31.94
CA ASP C 109 -4.29 -14.03 31.00
C ASP C 109 -5.67 -14.69 30.96
N TRP C 110 -6.35 -14.77 32.10
CA TRP C 110 -7.71 -15.30 32.15
C TRP C 110 -8.67 -14.40 31.39
N LEU C 111 -8.57 -13.10 31.64
CA LEU C 111 -9.40 -12.11 30.96
C LEU C 111 -9.14 -12.09 29.47
N LEU C 112 -7.87 -12.11 29.09
CA LEU C 112 -7.46 -11.93 27.71
C LEU C 112 -7.72 -13.14 26.82
N THR C 113 -7.42 -14.33 27.32
CA THR C 113 -7.41 -15.54 26.49
C THR C 113 -8.77 -16.25 26.49
N THR C 114 -9.45 -16.28 27.65
CA THR C 114 -10.72 -16.98 27.76
C THR C 114 -11.91 -16.04 27.73
N ASN C 115 -13.10 -16.63 27.67
CA ASN C 115 -14.37 -15.91 27.77
C ASN C 115 -15.17 -16.42 28.96
N THR C 116 -14.51 -17.09 29.88
CA THR C 116 -15.16 -17.72 31.02
C THR C 116 -15.43 -16.69 32.11
N ASN C 117 -16.61 -16.78 32.70
CA ASN C 117 -17.04 -15.82 33.72
C ASN C 117 -16.49 -16.16 35.11
N HIS C 118 -16.06 -17.41 35.31
CA HIS C 118 -15.41 -17.81 36.55
C HIS C 118 -13.98 -18.25 36.31
N PHE C 119 -13.11 -17.92 37.25
CA PHE C 119 -11.69 -18.28 37.19
C PHE C 119 -11.35 -19.16 38.38
N ASN C 120 -11.30 -20.47 38.13
CA ASN C 120 -10.93 -21.43 39.16
C ASN C 120 -9.41 -21.43 39.34
N MET C 121 -8.94 -20.64 40.30
CA MET C 121 -7.51 -20.44 40.51
C MET C 121 -6.87 -21.65 41.18
N ARG C 122 -6.14 -22.44 40.39
CA ARG C 122 -5.53 -23.69 40.88
C ARG C 122 -4.07 -23.53 41.30
N THR C 123 -3.40 -22.48 40.84
CA THR C 123 -2.05 -22.19 41.30
C THR C 123 -2.14 -21.71 42.75
N GLN C 124 -1.45 -22.41 43.66
CA GLN C 124 -1.61 -22.19 45.10
C GLN C 124 -0.83 -20.99 45.62
N ARG C 125 0.38 -20.78 45.11
CA ARG C 125 1.22 -19.67 45.56
C ARG C 125 0.52 -18.33 45.34
N VAL C 126 -0.11 -18.17 44.17
CA VAL C 126 -0.94 -16.97 43.90
C VAL C 126 -2.18 -16.91 44.79
N LYS C 127 -2.85 -18.04 44.98
CA LYS C 127 -4.13 -18.08 45.71
C LYS C 127 -4.03 -17.47 47.12
N GLU C 128 -2.87 -17.66 47.75
CA GLU C 128 -2.60 -17.05 49.07
C GLU C 128 -2.31 -15.56 48.95
N GLN C 129 -1.77 -15.14 47.80
CA GLN C 129 -1.43 -13.73 47.55
C GLN C 129 -2.67 -12.82 47.49
N LEU C 130 -3.81 -13.39 47.12
CA LEU C 130 -5.06 -12.60 46.95
C LEU C 130 -5.50 -11.90 48.24
N SER C 131 -5.22 -10.60 48.30
CA SER C 131 -5.59 -9.77 49.44
C SER C 131 -6.49 -8.63 49.00
N LEU C 132 -6.97 -7.85 49.98
CA LEU C 132 -7.72 -6.64 49.70
C LEU C 132 -6.81 -5.56 49.11
N LYS C 133 -5.55 -5.56 49.52
CA LYS C 133 -4.56 -4.63 49.00
C LYS C 133 -4.37 -4.90 47.49
N MET C 134 -4.35 -6.17 47.12
CA MET C 134 -4.24 -6.58 45.72
C MET C 134 -5.44 -6.10 44.92
N LEU C 135 -6.64 -6.32 45.44
CA LEU C 135 -7.87 -5.85 44.79
C LEU C 135 -7.86 -4.33 44.65
N SER C 136 -7.51 -3.65 45.72
CA SER C 136 -7.44 -2.19 45.73
C SER C 136 -6.46 -1.69 44.67
N LEU C 137 -5.31 -2.36 44.58
CA LEU C 137 -4.28 -2.02 43.61
C LEU C 137 -4.81 -2.15 42.19
N ILE C 138 -5.49 -3.26 41.90
CA ILE C 138 -6.08 -3.49 40.58
C ILE C 138 -7.08 -2.39 40.25
N ARG C 139 -8.04 -2.18 41.15
CA ARG C 139 -9.11 -1.21 40.94
C ARG C 139 -8.59 0.15 40.51
N SER C 140 -7.64 0.69 41.27
CA SER C 140 -7.08 2.01 40.99
C SER C 140 -6.39 2.04 39.62
N ASN C 141 -5.63 0.98 39.32
CA ASN C 141 -4.89 0.89 38.07
C ASN C 141 -5.77 0.62 36.84
N ILE C 142 -6.96 0.08 37.05
CA ILE C 142 -7.95 0.00 35.98
C ILE C 142 -8.49 1.38 35.69
N LEU C 143 -8.80 2.13 36.75
CA LEU C 143 -9.33 3.49 36.62
C LEU C 143 -8.31 4.41 35.97
N LYS C 144 -7.05 4.27 36.35
CA LYS C 144 -5.97 5.07 35.74
C LYS C 144 -5.89 4.81 34.24
N PHE C 145 -5.93 3.54 33.85
CA PHE C 145 -5.86 3.15 32.45
C PHE C 145 -7.06 3.67 31.66
N ILE C 146 -8.23 3.71 32.30
CA ILE C 146 -9.43 4.23 31.66
C ILE C 146 -9.32 5.73 31.44
N ASN C 147 -8.82 6.46 32.45
CA ASN C 147 -8.55 7.89 32.31
C ASN C 147 -7.46 8.14 31.26
N LYS C 148 -6.49 7.26 31.20
CA LYS C 148 -5.43 7.32 30.20
C LYS C 148 -6.02 7.15 28.79
N LEU C 149 -7.01 6.26 28.66
CA LEU C 149 -7.71 6.05 27.39
C LEU C 149 -8.58 7.24 27.04
N ASP C 150 -9.21 7.83 28.04
CA ASP C 150 -10.07 9.00 27.84
C ASP C 150 -9.24 10.20 27.37
N ALA C 151 -7.96 10.23 27.75
CA ALA C 151 -7.03 11.29 27.34
C ALA C 151 -6.66 11.22 25.85
N LEU C 152 -6.92 10.09 25.19
CA LEU C 152 -6.65 9.96 23.77
C LEU C 152 -7.58 10.83 22.93
N HIS C 153 -7.06 11.30 21.80
CA HIS C 153 -7.86 12.05 20.82
C HIS C 153 -8.19 11.14 19.65
N VAL C 154 -9.26 11.47 18.93
CA VAL C 154 -9.68 10.67 17.78
C VAL C 154 -8.59 10.72 16.71
N VAL C 155 -8.41 9.61 16.00
CA VAL C 155 -7.37 9.51 14.97
C VAL C 155 -7.34 10.78 14.12
N ASN C 156 -6.17 11.41 14.03
CA ASN C 156 -6.00 12.65 13.29
C ASN C 156 -4.65 12.69 12.59
N TYR C 157 -4.41 13.74 11.81
CA TYR C 157 -3.16 13.91 11.08
C TYR C 157 -2.31 15.03 11.67
N ASN C 158 -2.50 15.30 12.96
CA ASN C 158 -1.61 16.16 13.73
C ASN C 158 -0.70 15.27 14.58
N GLY C 159 0.03 15.88 15.52
CA GLY C 159 0.88 15.11 16.44
C GLY C 159 0.16 14.60 17.67
N LEU C 160 -1.16 14.77 17.73
CA LEU C 160 -1.95 14.39 18.90
C LEU C 160 -2.05 12.87 19.04
N LEU C 161 -1.68 12.35 20.21
CA LEU C 161 -1.72 10.93 20.50
C LEU C 161 -3.14 10.37 20.41
N SER C 162 -3.31 9.28 19.67
CA SER C 162 -4.64 8.69 19.44
C SER C 162 -4.72 7.19 19.75
N SER C 163 -3.62 6.58 20.19
CA SER C 163 -3.63 5.15 20.49
C SER C 163 -2.65 4.77 21.60
N ILE C 164 -2.77 3.53 22.06
CA ILE C 164 -1.91 2.97 23.09
C ILE C 164 -1.60 1.53 22.76
N GLU C 165 -0.32 1.17 22.84
CA GLU C 165 0.13 -0.19 22.54
C GLU C 165 0.72 -0.81 23.80
N ILE C 166 0.32 -2.05 24.09
CA ILE C 166 0.88 -2.81 25.20
C ILE C 166 1.46 -4.10 24.65
N GLY C 167 2.78 -4.25 24.78
CA GLY C 167 3.49 -5.43 24.28
C GLY C 167 3.87 -6.37 25.41
N THR C 168 3.28 -7.57 25.40
CA THR C 168 3.65 -8.62 26.35
C THR C 168 4.57 -9.60 25.64
N GLN C 169 4.97 -10.66 26.35
CA GLN C 169 5.80 -11.70 25.75
C GLN C 169 5.07 -12.42 24.62
N ASN C 170 3.77 -12.67 24.82
CA ASN C 170 2.97 -13.46 23.89
C ASN C 170 1.90 -12.68 23.12
N HIS C 171 1.80 -11.37 23.35
CA HIS C 171 0.74 -10.56 22.74
C HIS C 171 1.16 -9.13 22.46
N THR C 172 0.36 -8.47 21.62
CA THR C 172 0.44 -7.04 21.40
C THR C 172 -1.00 -6.52 21.35
N ILE C 173 -1.37 -5.73 22.35
CA ILE C 173 -2.68 -5.11 22.39
C ILE C 173 -2.54 -3.69 21.88
N ILE C 174 -3.44 -3.27 21.00
CA ILE C 174 -3.47 -1.88 20.54
C ILE C 174 -4.88 -1.34 20.63
N ILE C 175 -5.03 -0.21 21.30
CA ILE C 175 -6.33 0.43 21.48
C ILE C 175 -6.27 1.81 20.85
N THR C 176 -7.05 2.02 19.79
CA THR C 176 -7.05 3.27 19.05
C THR C 176 -8.40 3.95 19.14
N ARG C 177 -8.42 5.26 19.35
CA ARG C 177 -9.66 6.01 19.45
C ARG C 177 -10.11 6.49 18.07
N THR C 178 -11.34 6.14 17.70
CA THR C 178 -11.92 6.53 16.41
C THR C 178 -13.27 7.21 16.61
N ASN C 179 -13.91 7.60 15.50
CA ASN C 179 -15.26 8.18 15.56
C ASN C 179 -16.31 7.17 16.01
N MET C 180 -16.08 5.89 15.72
CA MET C 180 -16.97 4.82 16.16
C MET C 180 -16.85 4.61 17.67
N GLY C 181 -15.63 4.72 18.17
CA GLY C 181 -15.32 4.48 19.57
C GLY C 181 -13.89 3.96 19.67
N PHE C 182 -13.59 3.24 20.74
CA PHE C 182 -12.27 2.67 20.92
C PHE C 182 -12.15 1.36 20.14
N LEU C 183 -11.25 1.34 19.16
CA LEU C 183 -10.98 0.13 18.40
C LEU C 183 -9.91 -0.67 19.12
N VAL C 184 -10.32 -1.77 19.75
CA VAL C 184 -9.42 -2.66 20.48
C VAL C 184 -9.01 -3.78 19.54
N GLU C 185 -7.71 -4.08 19.48
CA GLU C 185 -7.20 -5.15 18.64
C GLU C 185 -6.06 -5.90 19.31
N LEU C 186 -6.00 -7.19 19.03
CA LEU C 186 -5.00 -8.08 19.62
C LEU C 186 -4.25 -8.78 18.51
N GLN C 187 -2.92 -8.61 18.48
CA GLN C 187 -2.08 -9.25 17.49
C GLN C 187 -1.05 -10.14 18.18
N GLU C 188 -0.25 -10.83 17.37
CA GLU C 188 0.91 -11.55 17.85
C GLU C 188 1.97 -10.54 18.33
N PRO C 189 2.92 -10.98 19.16
CA PRO C 189 3.89 -10.02 19.71
C PRO C 189 4.85 -9.44 18.68
N ASP C 190 5.00 -10.11 17.54
CA ASP C 190 5.78 -9.58 16.42
C ASP C 190 4.95 -8.71 15.46
N LYS C 191 3.68 -8.48 15.80
CA LYS C 191 2.75 -7.71 14.97
C LYS C 191 2.69 -8.25 13.54
N SER C 192 2.48 -9.56 13.43
CA SER C 192 2.45 -10.24 12.14
C SER C 192 1.27 -9.81 11.27
N ALA C 193 0.21 -9.29 11.88
CA ALA C 193 -0.95 -8.81 11.13
C ALA C 193 -0.62 -7.63 10.22
N MET C 194 0.40 -6.85 10.58
CA MET C 194 0.81 -5.68 9.78
C MET C 194 1.49 -6.06 8.46
N ASN C 195 2.08 -7.26 8.41
CA ASN C 195 2.70 -7.78 7.19
C ASN C 195 1.75 -7.76 5.99
N ARG C 196 1.96 -6.78 5.10
CA ARG C 196 1.06 -6.52 3.96
C ARG C 196 1.00 -7.68 2.94
N MET C 197 2.12 -8.40 2.78
CA MET C 197 2.18 -9.52 1.83
C MET C 197 1.41 -10.74 2.34
N LYS C 198 1.91 -11.36 3.40
CA LYS C 198 1.23 -12.48 4.05
C LYS C 198 0.86 -12.06 5.48
N PRO C 199 -0.38 -11.58 5.68
CA PRO C 199 -0.78 -11.03 6.97
C PRO C 199 -1.07 -12.09 8.02
N GLY C 200 -0.59 -11.85 9.23
CA GLY C 200 -0.81 -12.75 10.36
C GLY C 200 -2.19 -12.56 10.98
N PRO C 201 -2.47 -13.33 12.04
CA PRO C 201 -3.78 -13.30 12.70
C PRO C 201 -4.00 -12.07 13.57
N ALA C 202 -5.26 -11.69 13.77
CA ALA C 202 -5.61 -10.58 14.65
C ALA C 202 -7.09 -10.60 15.02
N LYS C 203 -7.37 -10.67 16.32
CA LYS C 203 -8.74 -10.47 16.81
C LYS C 203 -8.93 -8.99 17.08
N PHE C 204 -10.14 -8.48 16.82
CA PHE C 204 -10.45 -7.08 17.12
C PHE C 204 -11.93 -6.84 17.34
N SER C 205 -12.25 -5.70 17.94
CA SER C 205 -13.62 -5.35 18.27
C SER C 205 -13.72 -3.86 18.60
N LEU C 206 -14.91 -3.42 18.97
CA LEU C 206 -15.17 -2.02 19.31
C LEU C 206 -15.73 -1.92 20.72
N LEU C 207 -15.20 -0.99 21.51
CA LEU C 207 -15.81 -0.60 22.77
C LEU C 207 -16.34 0.82 22.62
N HIS C 208 -17.66 0.96 22.67
CA HIS C 208 -18.31 2.25 22.45
C HIS C 208 -17.91 3.28 23.51
N GLU C 209 -17.91 4.56 23.12
CA GLU C 209 -17.49 5.66 23.99
C GLU C 209 -18.16 5.62 25.36
N SER C 210 -19.46 5.37 25.37
CA SER C 210 -20.29 5.43 26.58
C SER C 210 -19.75 4.62 27.75
N THR C 211 -19.22 3.43 27.48
CA THR C 211 -18.74 2.54 28.54
C THR C 211 -17.68 3.21 29.41
N LEU C 212 -16.79 3.97 28.79
CA LEU C 212 -15.72 4.69 29.51
C LEU C 212 -16.14 6.06 30.02
N LYS C 213 -17.04 6.72 29.31
CA LYS C 213 -17.44 8.09 29.66
C LYS C 213 -18.15 8.19 31.02
N ALA C 214 -18.66 7.06 31.52
CA ALA C 214 -19.23 7.00 32.88
C ALA C 214 -18.18 7.31 33.95
N PHE C 215 -16.90 7.07 33.65
CA PHE C 215 -15.82 7.29 34.60
C PHE C 215 -15.21 8.70 34.53
N THR C 216 -15.83 9.63 33.80
CA THR C 216 -15.39 11.02 33.81
C THR C 216 -16.56 11.97 33.99
N ILE D 4 -31.32 -10.46 0.19
CA ILE D 4 -31.52 -11.82 0.77
C ILE D 4 -33.01 -12.18 0.71
N LEU D 5 -33.35 -13.25 -0.01
CA LEU D 5 -34.80 -13.54 -0.27
C LEU D 5 -35.13 -14.95 -0.76
N ASN D 6 -36.32 -15.42 -0.36
CA ASN D 6 -36.78 -16.79 -0.69
C ASN D 6 -37.87 -16.81 -1.75
N CYS D 7 -38.01 -17.94 -2.43
CA CYS D 7 -39.06 -18.13 -3.45
C CYS D 7 -39.83 -19.44 -3.22
N SER D 8 -41.14 -19.39 -3.45
CA SER D 8 -42.00 -20.58 -3.34
C SER D 8 -42.00 -21.39 -4.62
N ALA D 9 -42.17 -20.71 -5.75
CA ALA D 9 -42.23 -21.33 -7.06
C ALA D 9 -40.87 -21.30 -7.76
N LEU D 10 -40.62 -22.29 -8.61
CA LEU D 10 -39.40 -22.36 -9.42
C LEU D 10 -39.41 -21.47 -10.66
N PRO D 11 -40.53 -21.42 -11.41
CA PRO D 11 -40.56 -20.51 -12.57
C PRO D 11 -40.48 -19.03 -12.21
N CYS D 12 -40.53 -18.73 -10.91
CA CYS D 12 -40.16 -17.41 -10.38
C CYS D 12 -38.80 -16.97 -10.93
N LEU D 13 -37.83 -17.89 -10.89
CA LEU D 13 -36.46 -17.60 -11.30
C LEU D 13 -36.30 -17.47 -12.82
N LEU D 14 -37.12 -18.17 -13.59
CA LEU D 14 -37.10 -18.06 -15.04
C LEU D 14 -37.28 -16.61 -15.49
N HIS D 15 -38.08 -15.85 -14.74
CA HIS D 15 -38.28 -14.43 -15.01
C HIS D 15 -37.01 -13.64 -14.68
N LEU D 16 -36.41 -13.96 -13.52
CA LEU D 16 -35.22 -13.27 -13.03
C LEU D 16 -33.98 -13.48 -13.92
N LEU D 17 -33.89 -14.64 -14.56
CA LEU D 17 -32.79 -14.95 -15.47
C LEU D 17 -32.86 -14.16 -16.78
N SER D 18 -34.03 -13.60 -17.07
CA SER D 18 -34.22 -12.80 -18.29
C SER D 18 -34.49 -11.33 -17.95
N SER D 19 -33.92 -10.84 -16.85
CA SER D 19 -34.11 -9.46 -16.42
C SER D 19 -33.13 -8.54 -17.17
N PRO D 20 -33.33 -7.21 -17.08
CA PRO D 20 -32.35 -6.30 -17.68
C PRO D 20 -31.07 -6.16 -16.85
N LYS D 21 -31.19 -6.22 -15.53
CA LYS D 21 -30.05 -6.07 -14.64
C LYS D 21 -29.18 -7.33 -14.61
N GLU D 22 -27.89 -7.17 -14.90
CA GLU D 22 -26.93 -8.27 -14.84
C GLU D 22 -26.75 -8.77 -13.42
N SER D 23 -26.63 -7.84 -12.48
CA SER D 23 -26.44 -8.16 -11.07
C SER D 23 -27.48 -9.17 -10.54
N ILE D 24 -28.71 -9.08 -11.05
CA ILE D 24 -29.77 -10.02 -10.70
C ILE D 24 -29.53 -11.37 -11.38
N ARG D 25 -29.36 -11.34 -12.70
CA ARG D 25 -29.13 -12.55 -13.49
C ARG D 25 -27.98 -13.39 -12.92
N LYS D 26 -26.88 -12.72 -12.59
CA LYS D 26 -25.73 -13.38 -11.99
C LYS D 26 -26.11 -14.13 -10.73
N GLU D 27 -26.78 -13.45 -9.81
CA GLU D 27 -27.19 -14.05 -8.53
C GLU D 27 -28.30 -15.09 -8.70
N ALA D 28 -29.11 -14.92 -9.74
CA ALA D 28 -30.13 -15.91 -10.08
C ALA D 28 -29.47 -17.22 -10.55
N CYS D 29 -28.46 -17.09 -11.39
CA CYS D 29 -27.69 -18.24 -11.85
C CYS D 29 -26.97 -18.94 -10.71
N TRP D 30 -26.41 -18.15 -9.79
CA TRP D 30 -25.74 -18.67 -8.59
C TRP D 30 -26.71 -19.50 -7.75
N THR D 31 -27.96 -19.06 -7.69
CA THR D 31 -29.00 -19.77 -6.94
C THR D 31 -29.39 -21.07 -7.63
N VAL D 32 -29.53 -21.02 -8.96
CA VAL D 32 -29.87 -22.20 -9.74
C VAL D 32 -28.80 -23.28 -9.59
N SER D 33 -27.53 -22.87 -9.56
CA SER D 33 -26.41 -23.80 -9.41
C SER D 33 -26.45 -24.55 -8.07
N ASN D 34 -26.95 -23.90 -7.03
CA ASN D 34 -27.14 -24.55 -5.73
C ASN D 34 -28.23 -25.61 -5.79
N ILE D 35 -29.30 -25.32 -6.54
CA ILE D 35 -30.39 -26.27 -6.73
C ILE D 35 -29.92 -27.43 -7.61
N THR D 36 -29.17 -27.10 -8.66
CA THR D 36 -28.64 -28.10 -9.58
C THR D 36 -27.54 -28.97 -8.94
N ALA D 37 -26.93 -28.47 -7.86
CA ALA D 37 -25.96 -29.25 -7.09
C ALA D 37 -26.61 -30.36 -6.28
N GLY D 38 -27.92 -30.26 -6.04
CA GLY D 38 -28.65 -31.24 -5.24
C GLY D 38 -28.90 -32.57 -5.93
N ASN D 39 -29.93 -33.29 -5.46
CA ASN D 39 -30.24 -34.63 -5.97
C ASN D 39 -30.90 -34.61 -7.35
N ARG D 40 -31.34 -35.79 -7.80
CA ARG D 40 -31.84 -35.97 -9.16
C ARG D 40 -33.22 -35.36 -9.39
N ALA D 41 -34.05 -35.38 -8.35
CA ALA D 41 -35.38 -34.79 -8.42
C ALA D 41 -35.31 -33.26 -8.50
N GLN D 42 -34.34 -32.68 -7.80
CA GLN D 42 -34.11 -31.24 -7.81
C GLN D 42 -33.65 -30.78 -9.20
N ILE D 43 -32.77 -31.56 -9.81
CA ILE D 43 -32.34 -31.33 -11.19
C ILE D 43 -33.54 -31.41 -12.12
N GLN D 44 -34.40 -32.42 -11.90
CA GLN D 44 -35.58 -32.63 -12.72
C GLN D 44 -36.57 -31.48 -12.62
N ALA D 45 -36.68 -30.88 -11.44
CA ALA D 45 -37.52 -29.69 -11.23
C ALA D 45 -37.08 -28.56 -12.17
N VAL D 46 -35.78 -28.31 -12.22
CA VAL D 46 -35.20 -27.26 -13.07
C VAL D 46 -35.47 -27.55 -14.55
N ILE D 47 -35.40 -28.83 -14.93
CA ILE D 47 -35.70 -29.26 -16.28
C ILE D 47 -37.16 -28.99 -16.63
N ASP D 48 -38.06 -29.29 -15.69
CA ASP D 48 -39.50 -29.13 -15.90
C ASP D 48 -39.95 -27.67 -16.01
N ALA D 49 -39.17 -26.76 -15.42
CA ALA D 49 -39.49 -25.33 -15.46
C ALA D 49 -38.89 -24.60 -16.68
N ASN D 50 -38.22 -25.34 -17.56
CA ASN D 50 -37.60 -24.79 -18.78
C ASN D 50 -36.56 -23.71 -18.48
N ILE D 51 -35.60 -24.08 -17.65
CA ILE D 51 -34.55 -23.15 -17.19
C ILE D 51 -33.23 -23.36 -17.94
N PHE D 52 -32.90 -24.62 -18.20
CA PHE D 52 -31.64 -24.96 -18.89
C PHE D 52 -31.51 -24.35 -20.29
N PRO D 53 -32.62 -24.25 -21.06
CA PRO D 53 -32.52 -23.59 -22.36
C PRO D 53 -31.99 -22.16 -22.27
N VAL D 54 -32.47 -21.40 -21.28
CA VAL D 54 -32.02 -20.00 -21.11
C VAL D 54 -30.63 -19.92 -20.46
N LEU D 55 -30.26 -20.92 -19.67
CA LEU D 55 -28.89 -21.00 -19.11
C LEU D 55 -27.83 -21.15 -20.19
N ILE D 56 -28.09 -22.02 -21.17
CA ILE D 56 -27.16 -22.28 -22.26
C ILE D 56 -27.09 -21.07 -23.20
N GLU D 57 -28.21 -20.36 -23.32
CA GLU D 57 -28.26 -19.11 -24.08
C GLU D 57 -27.41 -18.04 -23.37
N ILE D 58 -27.50 -18.03 -22.04
CA ILE D 58 -26.69 -17.15 -21.19
C ILE D 58 -25.19 -17.51 -21.25
N LEU D 59 -24.91 -18.80 -21.25
CA LEU D 59 -23.52 -19.30 -21.22
C LEU D 59 -22.68 -18.83 -22.42
N GLN D 60 -23.35 -18.44 -23.51
CA GLN D 60 -22.68 -17.88 -24.68
C GLN D 60 -22.79 -16.36 -24.72
N LYS D 61 -24.02 -15.85 -24.64
CA LYS D 61 -24.30 -14.45 -24.92
C LYS D 61 -24.02 -13.47 -23.76
N ALA D 62 -24.17 -13.93 -22.52
CA ALA D 62 -24.03 -13.05 -21.35
C ALA D 62 -22.58 -12.66 -21.07
N GLU D 63 -22.40 -11.66 -20.23
CA GLU D 63 -21.05 -11.21 -19.85
C GLU D 63 -20.41 -12.19 -18.86
N PHE D 64 -19.10 -12.06 -18.72
CA PHE D 64 -18.27 -13.12 -18.14
C PHE D 64 -18.70 -13.57 -16.74
N ARG D 65 -18.91 -12.61 -15.84
CA ARG D 65 -19.25 -12.93 -14.44
C ARG D 65 -20.53 -13.77 -14.34
N THR D 66 -21.47 -13.53 -15.26
CA THR D 66 -22.71 -14.31 -15.33
C THR D 66 -22.46 -15.70 -15.90
N ARG D 67 -21.68 -15.79 -16.97
CA ARG D 67 -21.34 -17.07 -17.59
C ARG D 67 -20.72 -18.03 -16.59
N LYS D 68 -19.84 -17.53 -15.74
CA LYS D 68 -19.16 -18.34 -14.72
C LYS D 68 -20.15 -19.11 -13.85
N GLU D 69 -21.22 -18.44 -13.43
CA GLU D 69 -22.25 -19.07 -12.59
C GLU D 69 -23.16 -19.99 -13.39
N ALA D 70 -23.46 -19.60 -14.63
CA ALA D 70 -24.24 -20.45 -15.54
C ALA D 70 -23.48 -21.74 -15.85
N ALA D 71 -22.16 -21.65 -15.93
CA ALA D 71 -21.30 -22.81 -16.17
C ALA D 71 -21.35 -23.76 -14.98
N TRP D 72 -21.15 -23.22 -13.78
CA TRP D 72 -21.24 -24.00 -12.55
C TRP D 72 -22.55 -24.77 -12.48
N ALA D 73 -23.64 -24.10 -12.83
CA ALA D 73 -24.98 -24.70 -12.80
C ALA D 73 -25.08 -25.93 -13.71
N ILE D 74 -24.61 -25.80 -14.95
CA ILE D 74 -24.70 -26.87 -15.94
C ILE D 74 -23.78 -28.03 -15.60
N THR D 75 -22.58 -27.74 -15.12
CA THR D 75 -21.64 -28.78 -14.71
C THR D 75 -22.17 -29.59 -13.53
N ASN D 76 -22.85 -28.92 -12.60
CA ASN D 76 -23.48 -29.59 -11.46
C ASN D 76 -24.60 -30.53 -11.92
N ALA D 77 -25.30 -30.16 -12.99
CA ALA D 77 -26.34 -31.01 -13.56
C ALA D 77 -25.74 -32.31 -14.07
N THR D 78 -24.66 -32.19 -14.83
CA THR D 78 -23.98 -33.35 -15.39
C THR D 78 -23.34 -34.21 -14.29
N SER D 79 -23.03 -33.61 -13.15
CA SER D 79 -22.39 -34.32 -12.04
C SER D 79 -23.33 -35.29 -11.36
N GLY D 80 -24.49 -34.79 -10.89
CA GLY D 80 -25.45 -35.61 -10.15
C GLY D 80 -26.67 -36.04 -10.96
N GLY D 81 -26.65 -35.79 -12.26
CA GLY D 81 -27.81 -36.09 -13.12
C GLY D 81 -27.84 -37.52 -13.63
N THR D 82 -29.02 -37.96 -14.03
CA THR D 82 -29.21 -39.30 -14.60
C THR D 82 -28.87 -39.29 -16.08
N PRO D 83 -28.54 -40.46 -16.65
CA PRO D 83 -28.34 -40.62 -18.09
C PRO D 83 -29.42 -39.96 -18.96
N GLU D 84 -30.66 -39.97 -18.49
CA GLU D 84 -31.76 -39.32 -19.18
C GLU D 84 -31.57 -37.80 -19.17
N GLN D 85 -31.22 -37.27 -17.99
CA GLN D 85 -31.07 -35.82 -17.78
C GLN D 85 -29.86 -35.24 -18.52
N ILE D 86 -28.76 -35.99 -18.57
CA ILE D 86 -27.55 -35.52 -19.24
C ILE D 86 -27.77 -35.48 -20.75
N ARG D 87 -28.38 -36.52 -21.30
CA ARG D 87 -28.73 -36.56 -22.72
C ARG D 87 -29.61 -35.37 -23.12
N TYR D 88 -30.48 -34.94 -22.22
CA TYR D 88 -31.34 -33.78 -22.43
C TYR D 88 -30.51 -32.50 -22.58
N LEU D 89 -29.52 -32.32 -21.71
CA LEU D 89 -28.63 -31.16 -21.78
C LEU D 89 -27.82 -31.14 -23.08
N VAL D 90 -27.31 -32.31 -23.46
CA VAL D 90 -26.53 -32.45 -24.69
C VAL D 90 -27.42 -32.13 -25.91
N ALA D 91 -28.67 -32.57 -25.86
CA ALA D 91 -29.64 -32.27 -26.93
C ALA D 91 -29.90 -30.77 -27.07
N LEU D 92 -29.85 -30.04 -25.95
CA LEU D 92 -29.97 -28.58 -25.97
C LEU D 92 -28.72 -27.92 -26.59
N GLY D 93 -27.60 -28.62 -26.56
CA GLY D 93 -26.35 -28.15 -27.17
C GLY D 93 -25.47 -27.44 -26.17
N CYS D 94 -25.12 -28.15 -25.09
CA CYS D 94 -24.33 -27.58 -24.00
C CYS D 94 -22.82 -27.86 -24.15
N ILE D 95 -22.46 -28.75 -25.06
CA ILE D 95 -21.05 -29.15 -25.23
C ILE D 95 -20.20 -28.00 -25.78
N LYS D 96 -20.70 -27.33 -26.80
CA LYS D 96 -19.99 -26.19 -27.41
C LYS D 96 -19.80 -25.05 -26.40
N PRO D 97 -20.87 -24.62 -25.72
CA PRO D 97 -20.73 -23.63 -24.64
C PRO D 97 -19.68 -23.99 -23.58
N LEU D 98 -19.54 -25.28 -23.27
CA LEU D 98 -18.53 -25.74 -22.30
C LEU D 98 -17.13 -25.70 -22.90
N CYS D 99 -17.02 -26.11 -24.16
CA CYS D 99 -15.74 -26.09 -24.87
C CYS D 99 -15.19 -24.67 -25.05
N ASP D 100 -16.09 -23.70 -25.14
CA ASP D 100 -15.71 -22.29 -25.21
C ASP D 100 -14.92 -21.87 -23.96
N LEU D 101 -15.36 -22.34 -22.80
CA LEU D 101 -14.72 -21.98 -21.53
C LEU D 101 -13.31 -22.54 -21.34
N LEU D 102 -12.92 -23.52 -22.15
CA LEU D 102 -11.63 -24.19 -21.97
C LEU D 102 -10.42 -23.26 -22.14
N THR D 103 -10.58 -22.18 -22.90
CA THR D 103 -9.45 -21.28 -23.20
C THR D 103 -9.36 -20.06 -22.28
N VAL D 104 -10.23 -19.97 -21.27
CA VAL D 104 -10.24 -18.82 -20.37
C VAL D 104 -9.07 -18.81 -19.40
N MET D 105 -8.80 -17.63 -18.83
CA MET D 105 -7.65 -17.42 -17.95
C MET D 105 -7.87 -18.02 -16.56
N ASP D 106 -9.10 -17.98 -16.06
CA ASP D 106 -9.43 -18.48 -14.73
C ASP D 106 -9.36 -20.00 -14.66
N SER D 107 -8.37 -20.53 -13.93
CA SER D 107 -8.18 -21.97 -13.77
C SER D 107 -9.42 -22.67 -13.21
N LYS D 108 -10.10 -22.01 -12.28
CA LYS D 108 -11.29 -22.58 -11.63
C LYS D 108 -12.40 -22.88 -12.64
N ILE D 109 -12.60 -21.96 -13.58
CA ILE D 109 -13.64 -22.10 -14.60
C ILE D 109 -13.28 -23.16 -15.63
N VAL D 110 -11.99 -23.32 -15.89
CA VAL D 110 -11.51 -24.35 -16.80
C VAL D 110 -11.81 -25.74 -16.22
N GLN D 111 -11.48 -25.93 -14.94
CA GLN D 111 -11.74 -27.21 -14.27
C GLN D 111 -13.23 -27.55 -14.29
N VAL D 112 -14.07 -26.54 -14.14
CA VAL D 112 -15.52 -26.73 -14.18
C VAL D 112 -15.95 -27.25 -15.56
N ALA D 113 -15.39 -26.65 -16.61
CA ALA D 113 -15.67 -27.09 -17.98
C ALA D 113 -15.17 -28.51 -18.22
N LEU D 114 -13.96 -28.81 -17.75
CA LEU D 114 -13.38 -30.15 -17.89
C LEU D 114 -14.19 -31.23 -17.18
N ASN D 115 -14.66 -30.91 -15.97
CA ASN D 115 -15.50 -31.86 -15.23
C ASN D 115 -16.80 -32.12 -15.98
N GLY D 116 -17.45 -31.04 -16.42
CA GLY D 116 -18.70 -31.13 -17.18
C GLY D 116 -18.57 -31.97 -18.44
N LEU D 117 -17.46 -31.80 -19.15
CA LEU D 117 -17.20 -32.59 -20.35
C LEU D 117 -16.89 -34.04 -20.02
N GLU D 118 -16.10 -34.25 -18.96
CA GLU D 118 -15.77 -35.61 -18.51
C GLU D 118 -17.03 -36.38 -18.14
N ASN D 119 -17.93 -35.73 -17.41
CA ASN D 119 -19.21 -36.34 -17.03
C ASN D 119 -19.97 -36.82 -18.27
N ILE D 120 -19.97 -36.00 -19.31
CA ILE D 120 -20.62 -36.34 -20.57
C ILE D 120 -19.89 -37.48 -21.28
N LEU D 121 -18.56 -37.44 -21.25
CA LEU D 121 -17.75 -38.49 -21.87
C LEU D 121 -17.88 -39.83 -21.16
N ARG D 122 -17.88 -39.83 -19.82
CA ARG D 122 -18.06 -41.09 -19.06
C ARG D 122 -19.40 -41.74 -19.32
N LEU D 123 -20.42 -40.93 -19.61
CA LEU D 123 -21.74 -41.46 -19.98
C LEU D 123 -21.68 -42.17 -21.34
N GLY D 124 -20.83 -41.68 -22.23
CA GLY D 124 -20.61 -42.30 -23.53
C GLY D 124 -20.01 -43.70 -23.45
N GLU D 125 -19.27 -43.98 -22.38
CA GLU D 125 -18.71 -45.31 -22.15
C GLU D 125 -19.81 -46.35 -21.98
N GLN D 126 -20.83 -45.99 -21.21
CA GLN D 126 -22.01 -46.84 -21.01
C GLN D 126 -22.80 -47.00 -22.30
N GLU D 127 -23.02 -45.88 -23.00
CA GLU D 127 -23.75 -45.87 -24.27
C GLU D 127 -23.06 -46.68 -25.38
N SER D 128 -21.73 -46.74 -25.35
CA SER D 128 -20.97 -47.51 -26.35
C SER D 128 -21.26 -49.01 -26.26
N LYS D 129 -21.40 -49.51 -25.03
CA LYS D 129 -21.77 -50.90 -24.80
C LYS D 129 -23.20 -51.18 -25.23
N GLN D 130 -24.10 -50.24 -24.96
CA GLN D 130 -25.52 -50.38 -25.26
C GLN D 130 -25.79 -50.19 -26.75
N ILE D 133 -23.32 -50.47 -31.48
CA ILE D 133 -22.16 -49.70 -31.98
C ILE D 133 -21.16 -49.34 -30.88
N GLY D 134 -20.05 -50.08 -30.85
CA GLY D 134 -18.98 -49.89 -29.86
C GLY D 134 -18.14 -48.61 -29.92
N ILE D 135 -18.80 -47.45 -30.01
CA ILE D 135 -18.11 -46.16 -30.08
C ILE D 135 -18.77 -45.11 -29.19
N ASN D 136 -17.96 -44.20 -28.66
CA ASN D 136 -18.43 -43.10 -27.82
C ASN D 136 -18.96 -41.97 -28.70
N PRO D 137 -20.28 -41.70 -28.62
CA PRO D 137 -20.90 -40.72 -29.53
C PRO D 137 -20.46 -39.28 -29.27
N TYR D 138 -20.10 -38.98 -28.03
CA TYR D 138 -19.79 -37.61 -27.61
C TYR D 138 -18.35 -37.19 -27.95
N CYS D 139 -17.52 -38.14 -28.37
CA CYS D 139 -16.17 -37.83 -28.85
C CYS D 139 -16.25 -36.99 -30.12
N ALA D 140 -17.09 -37.42 -31.05
CA ALA D 140 -17.29 -36.72 -32.32
C ALA D 140 -17.81 -35.30 -32.10
N LEU D 141 -18.80 -35.16 -31.22
CA LEU D 141 -19.41 -33.85 -30.94
C LEU D 141 -18.43 -32.86 -30.31
N ILE D 142 -17.57 -33.36 -29.42
CA ILE D 142 -16.57 -32.52 -28.76
C ILE D 142 -15.48 -32.07 -29.75
N GLU D 143 -15.07 -32.98 -30.63
CA GLU D 143 -14.10 -32.64 -31.67
C GLU D 143 -14.64 -31.55 -32.60
N GLU D 144 -15.89 -31.73 -33.03
CA GLU D 144 -16.56 -30.79 -33.94
C GLU D 144 -16.78 -29.40 -33.31
N ALA D 145 -16.79 -29.34 -31.98
CA ALA D 145 -16.91 -28.07 -31.25
C ALA D 145 -15.54 -27.47 -30.90
N TYR D 146 -14.49 -27.97 -31.56
CA TYR D 146 -13.10 -27.57 -31.31
C TYR D 146 -12.65 -27.86 -29.87
N GLY D 147 -13.34 -28.77 -29.19
CA GLY D 147 -13.03 -29.11 -27.81
C GLY D 147 -11.81 -30.00 -27.70
N LEU D 148 -11.68 -30.94 -28.63
CA LEU D 148 -10.55 -31.87 -28.65
C LEU D 148 -9.22 -31.13 -28.67
N ASP D 149 -9.10 -30.15 -29.57
CA ASP D 149 -7.88 -29.35 -29.65
C ASP D 149 -7.68 -28.49 -28.41
N LYS D 150 -8.77 -27.92 -27.90
CA LYS D 150 -8.68 -27.06 -26.72
C LYS D 150 -8.31 -27.84 -25.46
N ILE D 151 -8.70 -29.12 -25.40
CA ILE D 151 -8.23 -30.02 -24.34
C ILE D 151 -6.75 -30.34 -24.55
N GLU D 152 -6.37 -30.59 -25.80
CA GLU D 152 -4.95 -30.79 -26.16
C GLU D 152 -4.08 -29.63 -25.67
N PHE D 153 -4.56 -28.40 -25.82
CA PHE D 153 -3.84 -27.21 -25.34
C PHE D 153 -3.58 -27.30 -23.84
N LEU D 154 -4.57 -27.77 -23.10
CA LEU D 154 -4.50 -27.82 -21.65
C LEU D 154 -3.49 -28.84 -21.11
N GLN D 155 -3.03 -29.77 -21.96
CA GLN D 155 -1.97 -30.70 -21.57
C GLN D 155 -0.69 -29.96 -21.20
N SER D 156 -0.47 -28.80 -21.81
CA SER D 156 0.71 -27.98 -21.55
C SER D 156 0.41 -26.81 -20.60
N HIS D 157 -0.69 -26.90 -19.87
CA HIS D 157 -1.13 -25.83 -18.97
C HIS D 157 -0.24 -25.78 -17.72
N GLU D 158 -0.17 -24.61 -17.10
CA GLU D 158 0.69 -24.38 -15.94
C GLU D 158 0.23 -25.19 -14.73
N ASN D 159 -1.03 -25.02 -14.36
CA ASN D 159 -1.63 -25.71 -13.21
C ASN D 159 -1.61 -27.23 -13.34
N GLN D 160 -1.12 -27.89 -12.30
CA GLN D 160 -0.98 -29.36 -12.26
C GLN D 160 -2.30 -30.08 -12.41
N GLU D 161 -3.31 -29.61 -11.68
CA GLU D 161 -4.62 -30.24 -11.64
C GLU D 161 -5.31 -30.22 -13.00
N ILE D 162 -5.01 -29.20 -13.81
CA ILE D 162 -5.60 -29.09 -15.15
C ILE D 162 -4.87 -29.98 -16.15
N TYR D 163 -3.54 -29.95 -16.16
CA TYR D 163 -2.79 -30.70 -17.19
C TYR D 163 -2.84 -32.22 -17.02
N GLN D 164 -3.04 -32.69 -15.79
CA GLN D 164 -3.21 -34.12 -15.54
C GLN D 164 -4.60 -34.59 -15.96
N LYS D 165 -5.61 -33.76 -15.69
CA LYS D 165 -6.97 -34.02 -16.12
C LYS D 165 -7.04 -34.09 -17.64
N ALA D 166 -6.38 -33.14 -18.29
CA ALA D 166 -6.36 -33.04 -19.75
C ALA D 166 -5.70 -34.26 -20.39
N PHE D 167 -4.56 -34.67 -19.85
CA PHE D 167 -3.84 -35.85 -20.36
C PHE D 167 -4.68 -37.11 -20.19
N ASP D 168 -5.33 -37.24 -19.04
CA ASP D 168 -6.22 -38.36 -18.74
C ASP D 168 -7.36 -38.47 -19.76
N LEU D 169 -8.03 -37.36 -20.03
CA LEU D 169 -9.16 -37.35 -20.97
C LEU D 169 -8.76 -37.76 -22.39
N ILE D 170 -7.58 -37.33 -22.84
CA ILE D 170 -7.11 -37.65 -24.17
C ILE D 170 -6.77 -39.13 -24.28
N GLU D 171 -5.96 -39.63 -23.35
CA GLU D 171 -5.54 -41.04 -23.37
C GLU D 171 -6.73 -41.99 -23.24
N HIS D 172 -7.64 -41.66 -22.32
CA HIS D 172 -8.76 -42.53 -21.99
C HIS D 172 -9.84 -42.56 -23.07
N TYR D 173 -10.20 -41.39 -23.60
CA TYR D 173 -11.34 -41.27 -24.52
C TYR D 173 -10.99 -41.02 -26.00
N PHE D 174 -9.77 -40.53 -26.28
CA PHE D 174 -9.42 -40.12 -27.64
C PHE D 174 -8.18 -40.82 -28.21
N GLY D 175 -6.99 -40.41 -27.78
CA GLY D 175 -5.74 -40.90 -28.33
C GLY D 175 -5.44 -42.34 -27.93
N VAL E 3 36.24 15.70 -18.71
CA VAL E 3 35.93 16.86 -19.59
C VAL E 3 36.12 18.15 -18.79
N ILE E 4 37.38 18.54 -18.59
CA ILE E 4 37.76 19.61 -17.68
C ILE E 4 38.64 20.65 -18.38
N LEU E 5 38.22 21.92 -18.35
CA LEU E 5 38.97 23.03 -18.94
C LEU E 5 39.60 23.77 -17.78
N ASN E 6 40.93 23.92 -17.79
CA ASN E 6 41.62 24.81 -16.84
C ASN E 6 41.98 26.11 -17.53
N CYS E 7 42.17 27.16 -16.73
CA CYS E 7 42.76 28.40 -17.21
C CYS E 7 43.90 28.82 -16.29
N SER E 8 44.96 29.39 -16.89
CA SER E 8 45.99 30.07 -16.13
C SER E 8 45.43 31.40 -15.61
N ALA E 9 44.53 32.00 -16.39
CA ALA E 9 44.04 33.34 -16.14
C ALA E 9 42.67 33.36 -15.44
N LEU E 10 42.44 34.41 -14.66
CA LEU E 10 41.16 34.62 -13.99
C LEU E 10 40.06 35.23 -14.88
N PRO E 11 40.39 36.22 -15.74
CA PRO E 11 39.36 36.74 -16.65
C PRO E 11 38.88 35.72 -17.70
N CYS E 12 39.52 34.56 -17.75
CA CYS E 12 39.00 33.39 -18.45
C CYS E 12 37.55 33.12 -18.05
N LEU E 13 37.28 33.15 -16.74
CA LEU E 13 35.96 32.85 -16.19
C LEU E 13 34.93 33.93 -16.45
N LEU E 14 35.37 35.19 -16.53
CA LEU E 14 34.47 36.30 -16.83
C LEU E 14 33.72 36.06 -18.14
N HIS E 15 34.38 35.40 -19.09
CA HIS E 15 33.75 35.04 -20.35
C HIS E 15 32.71 33.93 -20.14
N LEU E 16 33.09 32.92 -19.35
CA LEU E 16 32.24 31.76 -19.06
C LEU E 16 30.96 32.11 -18.29
N LEU E 17 31.04 33.13 -17.44
CA LEU E 17 29.88 33.60 -16.68
C LEU E 17 28.84 34.32 -17.55
N SER E 18 29.24 34.73 -18.75
CA SER E 18 28.34 35.40 -19.69
C SER E 18 28.08 34.55 -20.93
N SER E 19 28.11 33.22 -20.78
CA SER E 19 27.87 32.29 -21.89
C SER E 19 26.37 32.12 -22.12
N PRO E 20 25.99 31.50 -23.25
CA PRO E 20 24.57 31.20 -23.46
C PRO E 20 24.08 29.99 -22.65
N LYS E 21 24.95 29.01 -22.46
CA LYS E 21 24.61 27.78 -21.72
C LYS E 21 24.55 28.04 -20.22
N GLU E 22 23.41 27.71 -19.61
CA GLU E 22 23.25 27.83 -18.16
C GLU E 22 24.17 26.85 -17.43
N SER E 23 24.21 25.62 -17.92
CA SER E 23 25.03 24.56 -17.32
C SER E 23 26.48 24.99 -17.10
N ILE E 24 27.01 25.81 -18.00
CA ILE E 24 28.37 26.36 -17.85
C ILE E 24 28.39 27.44 -16.79
N ARG E 25 27.51 28.42 -16.93
CA ARG E 25 27.41 29.54 -15.97
C ARG E 25 27.29 29.05 -14.54
N LYS E 26 26.43 28.06 -14.32
CA LYS E 26 26.24 27.47 -13.01
C LYS E 26 27.56 26.94 -12.45
N GLU E 27 28.25 26.12 -13.24
CA GLU E 27 29.51 25.53 -12.81
C GLU E 27 30.65 26.55 -12.71
N ALA E 28 30.55 27.62 -13.51
CA ALA E 28 31.50 28.73 -13.43
C ALA E 28 31.34 29.47 -12.10
N CYS E 29 30.09 29.70 -11.70
CA CYS E 29 29.79 30.34 -10.41
C CYS E 29 30.25 29.47 -9.25
N TRP E 30 30.03 28.16 -9.37
CA TRP E 30 30.47 27.19 -8.37
C TRP E 30 31.98 27.24 -8.17
N THR E 31 32.71 27.46 -9.27
CA THR E 31 34.16 27.57 -9.23
C THR E 31 34.61 28.88 -8.58
N VAL E 32 33.93 29.97 -8.92
CA VAL E 32 34.23 31.28 -8.35
C VAL E 32 34.02 31.25 -6.82
N SER E 33 32.98 30.56 -6.37
CA SER E 33 32.67 30.46 -4.94
C SER E 33 33.77 29.74 -4.15
N ASN E 34 34.45 28.78 -4.80
CA ASN E 34 35.60 28.12 -4.19
C ASN E 34 36.78 29.06 -4.05
N ILE E 35 36.98 29.92 -5.06
CA ILE E 35 38.04 30.92 -5.01
C ILE E 35 37.71 31.99 -3.97
N THR E 36 36.46 32.41 -3.94
CA THR E 36 35.99 33.41 -2.99
C THR E 36 35.95 32.89 -1.55
N ALA E 37 35.93 31.57 -1.39
CA ALA E 37 36.01 30.95 -0.07
C ALA E 37 37.42 31.05 0.54
N GLY E 38 38.43 31.29 -0.30
CA GLY E 38 39.82 31.36 0.15
C GLY E 38 40.18 32.63 0.90
N ASN E 39 41.47 32.96 0.91
CA ASN E 39 41.99 34.09 1.67
C ASN E 39 41.66 35.45 1.03
N ARG E 40 42.21 36.52 1.60
CA ARG E 40 41.86 37.89 1.22
C ARG E 40 42.44 38.29 -0.14
N ALA E 41 43.62 37.78 -0.46
CA ALA E 41 44.26 38.05 -1.75
C ALA E 41 43.50 37.38 -2.90
N GLN E 42 42.97 36.19 -2.63
CA GLN E 42 42.17 35.46 -3.62
C GLN E 42 40.88 36.19 -3.92
N ILE E 43 40.24 36.72 -2.88
CA ILE E 43 39.06 37.56 -3.02
C ILE E 43 39.42 38.79 -3.85
N GLN E 44 40.57 39.39 -3.55
CA GLN E 44 41.04 40.60 -4.24
C GLN E 44 41.28 40.35 -5.73
N ALA E 45 41.76 39.15 -6.06
CA ALA E 45 41.95 38.76 -7.46
C ALA E 45 40.64 38.82 -8.23
N VAL E 46 39.58 38.27 -7.63
CA VAL E 46 38.25 38.26 -8.24
C VAL E 46 37.72 39.68 -8.40
N ILE E 47 38.01 40.55 -7.44
CA ILE E 47 37.63 41.96 -7.51
C ILE E 47 38.35 42.65 -8.68
N ASP E 48 39.64 42.37 -8.83
CA ASP E 48 40.45 43.00 -9.87
C ASP E 48 40.07 42.57 -11.29
N ALA E 49 39.47 41.40 -11.43
CA ALA E 49 39.04 40.88 -12.73
C ALA E 49 37.64 41.32 -13.13
N ASN E 50 36.99 42.12 -12.30
CA ASN E 50 35.62 42.62 -12.56
C ASN E 50 34.60 41.49 -12.71
N ILE E 51 34.54 40.63 -11.70
CA ILE E 51 33.68 39.45 -11.70
C ILE E 51 32.42 39.66 -10.86
N PHE E 52 32.57 40.33 -9.71
CA PHE E 52 31.45 40.58 -8.81
C PHE E 52 30.30 41.38 -9.42
N PRO E 53 30.60 42.36 -10.31
CA PRO E 53 29.51 43.06 -10.98
C PRO E 53 28.58 42.13 -11.75
N VAL E 54 29.13 41.16 -12.47
CA VAL E 54 28.32 40.22 -13.24
C VAL E 54 27.67 39.14 -12.35
N LEU E 55 28.30 38.82 -11.20
CA LEU E 55 27.70 37.90 -10.23
C LEU E 55 26.40 38.45 -9.64
N ILE E 56 26.42 39.74 -9.30
CA ILE E 56 25.26 40.40 -8.71
C ILE E 56 24.15 40.57 -9.75
N GLU E 57 24.56 40.75 -11.01
CA GLU E 57 23.61 40.80 -12.13
C GLU E 57 22.96 39.42 -12.30
N ILE E 58 23.77 38.37 -12.15
CA ILE E 58 23.31 36.97 -12.21
C ILE E 58 22.38 36.64 -11.03
N LEU E 59 22.74 37.14 -9.85
CA LEU E 59 22.00 36.84 -8.62
C LEU E 59 20.53 37.28 -8.66
N GLN E 60 20.21 38.22 -9.56
CA GLN E 60 18.84 38.66 -9.77
C GLN E 60 18.23 38.03 -11.02
N LYS E 61 18.93 38.16 -12.15
CA LYS E 61 18.35 37.84 -13.46
C LYS E 61 18.38 36.35 -13.82
N ALA E 62 19.40 35.62 -13.36
CA ALA E 62 19.58 34.23 -13.77
C ALA E 62 18.55 33.30 -13.13
N GLU E 63 18.48 32.08 -13.67
CA GLU E 63 17.56 31.05 -13.17
C GLU E 63 18.10 30.46 -11.85
N PHE E 64 17.21 29.83 -11.10
CA PHE E 64 17.42 29.55 -9.67
C PHE E 64 18.70 28.79 -9.35
N ARG E 65 18.94 27.70 -10.06
CA ARG E 65 20.11 26.86 -9.78
C ARG E 65 21.42 27.63 -9.90
N THR E 66 21.46 28.60 -10.81
CA THR E 66 22.62 29.46 -10.99
C THR E 66 22.74 30.48 -9.85
N ARG E 67 21.61 31.10 -9.50
CA ARG E 67 21.57 32.07 -8.40
C ARG E 67 22.13 31.49 -7.10
N LYS E 68 21.77 30.24 -6.82
CA LYS E 68 22.22 29.56 -5.60
C LYS E 68 23.74 29.57 -5.47
N GLU E 69 24.44 29.32 -6.57
CA GLU E 69 25.91 29.31 -6.57
C GLU E 69 26.49 30.71 -6.55
N ALA E 70 25.84 31.64 -7.24
CA ALA E 70 26.23 33.05 -7.20
C ALA E 70 26.08 33.62 -5.80
N ALA E 71 25.05 33.17 -5.08
CA ALA E 71 24.82 33.58 -3.70
C ALA E 71 25.93 33.08 -2.79
N TRP E 72 26.24 31.79 -2.89
CA TRP E 72 27.34 31.20 -2.13
C TRP E 72 28.63 31.97 -2.33
N ALA E 73 28.91 32.35 -3.57
CA ALA E 73 30.13 33.09 -3.91
C ALA E 73 30.21 34.43 -3.18
N ILE E 74 29.12 35.20 -3.21
CA ILE E 74 29.09 36.52 -2.60
C ILE E 74 29.13 36.46 -1.07
N THR E 75 28.43 35.48 -0.49
CA THR E 75 28.46 35.29 0.96
C THR E 75 29.84 34.91 1.46
N ASN E 76 30.55 34.09 0.68
CA ASN E 76 31.94 33.73 1.00
C ASN E 76 32.87 34.93 0.98
N ALA E 77 32.60 35.88 0.08
CA ALA E 77 33.38 37.12 0.00
C ALA E 77 33.23 37.91 1.29
N THR E 78 31.99 38.07 1.73
CA THR E 78 31.69 38.80 2.96
C THR E 78 32.24 38.10 4.19
N SER E 79 32.40 36.77 4.11
CA SER E 79 32.89 35.97 5.23
C SER E 79 34.37 36.23 5.52
N GLY E 80 35.21 36.03 4.51
CA GLY E 80 36.66 36.16 4.67
C GLY E 80 37.25 37.45 4.12
N GLY E 81 36.40 38.40 3.73
CA GLY E 81 36.85 39.64 3.11
C GLY E 81 37.19 40.74 4.11
N THR E 82 37.99 41.70 3.65
CA THR E 82 38.41 42.85 4.43
C THR E 82 37.29 43.90 4.44
N PRO E 83 37.25 44.77 5.46
CA PRO E 83 36.37 45.93 5.47
C PRO E 83 36.35 46.72 4.16
N GLU E 84 37.49 46.80 3.48
CA GLU E 84 37.57 47.47 2.19
C GLU E 84 36.78 46.68 1.16
N GLN E 85 36.98 45.37 1.16
CA GLN E 85 36.38 44.49 0.16
C GLN E 85 34.86 44.36 0.31
N ILE E 86 34.39 44.35 1.56
CA ILE E 86 32.96 44.23 1.82
C ILE E 86 32.24 45.50 1.40
N ARG E 87 32.81 46.66 1.75
CA ARG E 87 32.27 47.96 1.31
C ARG E 87 32.14 48.05 -0.20
N TYR E 88 33.09 47.44 -0.92
CA TYR E 88 33.06 47.40 -2.38
C TYR E 88 31.84 46.63 -2.88
N LEU E 89 31.56 45.48 -2.28
CA LEU E 89 30.40 44.66 -2.64
C LEU E 89 29.10 45.40 -2.39
N VAL E 90 29.01 46.06 -1.23
CA VAL E 90 27.84 46.84 -0.86
C VAL E 90 27.64 48.00 -1.85
N ALA E 91 28.73 48.62 -2.27
CA ALA E 91 28.68 49.70 -3.26
C ALA E 91 28.13 49.21 -4.61
N LEU E 92 28.42 47.96 -4.96
CA LEU E 92 27.85 47.34 -6.16
C LEU E 92 26.35 47.09 -6.02
N GLY E 93 25.88 46.97 -4.78
CA GLY E 93 24.46 46.78 -4.50
C GLY E 93 24.10 45.33 -4.35
N CYS E 94 24.76 44.66 -3.41
CA CYS E 94 24.57 43.22 -3.17
C CYS E 94 23.55 42.93 -2.07
N ILE E 95 23.17 43.95 -1.31
CA ILE E 95 22.27 43.75 -0.17
C ILE E 95 20.87 43.36 -0.63
N LYS E 96 20.34 44.06 -1.64
CA LYS E 96 19.01 43.76 -2.18
C LYS E 96 18.95 42.34 -2.77
N PRO E 97 19.91 41.97 -3.65
CA PRO E 97 19.99 40.59 -4.14
C PRO E 97 20.00 39.53 -3.05
N LEU E 98 20.63 39.82 -1.91
CA LEU E 98 20.67 38.89 -0.77
C LEU E 98 19.33 38.86 -0.05
N CYS E 99 18.72 40.02 0.11
CA CYS E 99 17.41 40.12 0.77
C CYS E 99 16.31 39.41 -0.03
N ASP E 100 16.47 39.36 -1.35
CA ASP E 100 15.55 38.62 -2.21
C ASP E 100 15.52 37.14 -1.85
N LEU E 101 16.69 36.57 -1.55
CA LEU E 101 16.79 35.15 -1.22
C LEU E 101 16.15 34.75 0.10
N LEU E 102 15.84 35.72 0.96
CA LEU E 102 15.32 35.41 2.29
C LEU E 102 13.98 34.68 2.28
N THR E 103 13.20 34.86 1.22
CA THR E 103 11.84 34.32 1.15
C THR E 103 11.76 32.95 0.41
N VAL E 104 12.92 32.40 0.01
CA VAL E 104 12.94 31.13 -0.74
C VAL E 104 12.66 29.93 0.14
N MET E 105 12.28 28.83 -0.50
CA MET E 105 11.88 27.61 0.20
C MET E 105 13.07 26.83 0.76
N ASP E 106 14.20 26.84 0.05
CA ASP E 106 15.41 26.12 0.45
C ASP E 106 16.06 26.74 1.69
N SER E 107 16.00 26.04 2.81
CA SER E 107 16.57 26.51 4.07
C SER E 107 18.05 26.83 3.96
N LYS E 108 18.78 26.02 3.19
CA LYS E 108 20.23 26.19 3.02
C LYS E 108 20.56 27.54 2.42
N ILE E 109 19.79 27.94 1.42
CA ILE E 109 20.02 29.21 0.71
C ILE E 109 19.63 30.41 1.57
N VAL E 110 18.63 30.22 2.44
CA VAL E 110 18.23 31.26 3.37
C VAL E 110 19.35 31.55 4.37
N GLN E 111 19.93 30.49 4.93
CA GLN E 111 21.05 30.63 5.88
C GLN E 111 22.24 31.34 5.23
N VAL E 112 22.47 31.07 3.96
CA VAL E 112 23.56 31.70 3.21
C VAL E 112 23.31 33.21 3.11
N ALA E 113 22.06 33.58 2.81
CA ALA E 113 21.68 34.99 2.75
C ALA E 113 21.81 35.66 4.12
N LEU E 114 21.34 34.98 5.16
CA LEU E 114 21.43 35.51 6.53
C LEU E 114 22.87 35.71 6.99
N ASN E 115 23.75 34.78 6.66
CA ASN E 115 25.15 34.91 7.00
C ASN E 115 25.77 36.11 6.29
N GLY E 116 25.51 36.21 4.99
CA GLY E 116 26.02 37.30 4.17
C GLY E 116 25.57 38.67 4.67
N LEU E 117 24.31 38.76 5.11
CA LEU E 117 23.79 40.00 5.68
C LEU E 117 24.39 40.29 7.04
N GLU E 118 24.52 39.25 7.87
CA GLU E 118 25.12 39.40 9.20
C GLU E 118 26.55 39.91 9.10
N ASN E 119 27.31 39.34 8.16
CA ASN E 119 28.68 39.78 7.93
C ASN E 119 28.73 41.27 7.62
N ILE E 120 27.79 41.74 6.81
CA ILE E 120 27.70 43.16 6.46
C ILE E 120 27.27 43.99 7.67
N LEU E 121 26.33 43.47 8.45
CA LEU E 121 25.86 44.16 9.64
C LEU E 121 26.95 44.27 10.72
N ARG E 122 27.69 43.18 10.94
CA ARG E 122 28.76 43.18 11.93
C ARG E 122 29.87 44.19 11.59
N LEU E 123 30.08 44.41 10.29
CA LEU E 123 31.03 45.43 9.83
C LEU E 123 30.53 46.84 10.20
N GLY E 124 29.22 47.03 10.19
CA GLY E 124 28.62 48.29 10.58
C GLY E 124 28.83 48.65 12.04
N GLU E 125 29.02 47.64 12.89
CA GLU E 125 29.32 47.87 14.30
C GLU E 125 30.64 48.61 14.47
N GLN E 126 31.65 48.17 13.70
CA GLN E 126 32.96 48.83 13.69
C GLN E 126 32.87 50.24 13.10
N GLU E 127 32.15 50.36 12.00
CA GLU E 127 31.96 51.65 11.32
C GLU E 127 31.20 52.68 12.17
N SER E 128 30.31 52.21 13.04
CA SER E 128 29.54 53.10 13.92
C SER E 128 30.44 53.81 14.93
N LYS E 129 31.44 53.10 15.44
CA LYS E 129 32.43 53.68 16.35
C LYS E 129 33.33 54.68 15.62
N GLN E 130 33.71 54.35 14.39
CA GLN E 130 34.64 55.15 13.61
C GLN E 130 33.99 56.39 13.00
N ASN E 131 32.80 56.24 12.43
CA ASN E 131 32.17 57.31 11.65
C ASN E 131 31.84 58.57 12.49
N GLY E 132 31.62 58.39 13.79
CA GLY E 132 31.40 59.51 14.71
C GLY E 132 29.94 59.83 14.99
N ILE E 133 29.04 59.31 14.15
CA ILE E 133 27.60 59.51 14.33
C ILE E 133 27.08 58.56 15.40
N GLY E 134 27.59 57.32 15.37
CA GLY E 134 27.23 56.29 16.33
C GLY E 134 26.04 55.47 15.87
N ILE E 135 25.95 55.26 14.55
CA ILE E 135 24.86 54.48 13.96
C ILE E 135 25.37 53.51 12.91
N ASN E 136 24.69 52.38 12.78
CA ASN E 136 25.02 51.35 11.80
C ASN E 136 24.41 51.73 10.45
N PRO E 137 25.26 52.03 9.44
CA PRO E 137 24.77 52.53 8.16
C PRO E 137 23.98 51.49 7.35
N TYR E 138 24.30 50.22 7.55
CA TYR E 138 23.71 49.14 6.75
C TYR E 138 22.32 48.70 7.25
N CYS E 139 21.91 49.18 8.42
CA CYS E 139 20.56 48.93 8.91
C CYS E 139 19.53 49.61 8.00
N ALA E 140 19.79 50.87 7.67
CA ALA E 140 18.91 51.64 6.78
C ALA E 140 18.80 50.99 5.40
N LEU E 141 19.93 50.57 4.84
CA LEU E 141 19.95 49.96 3.51
C LEU E 141 19.19 48.63 3.44
N ILE E 142 19.29 47.83 4.50
CA ILE E 142 18.59 46.55 4.57
C ILE E 142 17.08 46.75 4.71
N GLU E 143 16.68 47.74 5.52
CA GLU E 143 15.27 48.08 5.66
C GLU E 143 14.67 48.52 4.32
N GLU E 144 15.39 49.39 3.62
CA GLU E 144 14.94 49.93 2.34
C GLU E 144 14.85 48.87 1.25
N ALA E 145 15.57 47.77 1.42
CA ALA E 145 15.51 46.63 0.49
C ALA E 145 14.47 45.57 0.94
N TYR E 146 13.57 45.96 1.85
CA TYR E 146 12.56 45.06 2.41
C TYR E 146 13.18 43.88 3.18
N GLY E 147 14.45 44.01 3.56
CA GLY E 147 15.15 42.92 4.24
C GLY E 147 14.73 42.81 5.70
N LEU E 148 14.52 43.95 6.34
CA LEU E 148 14.13 43.99 7.75
C LEU E 148 12.85 43.19 7.98
N ASP E 149 11.84 43.41 7.14
CA ASP E 149 10.59 42.67 7.24
C ASP E 149 10.77 41.19 6.91
N LYS E 150 11.58 40.90 5.91
CA LYS E 150 11.82 39.52 5.50
C LYS E 150 12.61 38.73 6.55
N ILE E 151 13.46 39.42 7.31
CA ILE E 151 14.11 38.81 8.47
C ILE E 151 13.09 38.60 9.59
N GLU E 152 12.22 39.60 9.80
CA GLU E 152 11.11 39.46 10.75
C GLU E 152 10.27 38.20 10.47
N PHE E 153 9.99 37.93 9.19
CA PHE E 153 9.25 36.73 8.80
C PHE E 153 9.94 35.47 9.29
N LEU E 154 11.27 35.46 9.17
CA LEU E 154 12.06 34.27 9.50
C LEU E 154 12.07 33.94 11.00
N GLN E 155 11.67 34.89 11.84
CA GLN E 155 11.53 34.62 13.27
C GLN E 155 10.51 33.52 13.56
N SER E 156 9.52 33.39 12.68
CA SER E 156 8.49 32.37 12.82
C SER E 156 8.74 31.18 11.89
N HIS E 157 9.97 31.02 11.42
CA HIS E 157 10.31 29.95 10.47
C HIS E 157 10.37 28.61 11.18
N GLU E 158 10.17 27.54 10.42
CA GLU E 158 10.12 26.18 10.98
C GLU E 158 11.47 25.74 11.54
N ASN E 159 12.49 25.82 10.70
CA ASN E 159 13.85 25.43 11.05
C ASN E 159 14.42 26.23 12.23
N GLN E 160 14.94 25.51 13.22
CA GLN E 160 15.49 26.11 14.44
C GLN E 160 16.66 27.05 14.17
N GLU E 161 17.58 26.60 13.32
CA GLU E 161 18.80 27.34 13.02
C GLU E 161 18.51 28.68 12.34
N ILE E 162 17.40 28.75 11.61
CA ILE E 162 17.02 29.99 10.93
C ILE E 162 16.33 30.97 11.89
N TYR E 163 15.37 30.48 12.68
CA TYR E 163 14.58 31.37 13.53
C TYR E 163 15.37 31.96 14.71
N GLN E 164 16.40 31.26 15.16
CA GLN E 164 17.27 31.79 16.21
C GLN E 164 18.22 32.85 15.63
N LYS E 165 18.72 32.59 14.44
CA LYS E 165 19.57 33.56 13.74
C LYS E 165 18.79 34.85 13.48
N ALA E 166 17.54 34.70 13.06
CA ALA E 166 16.67 35.82 12.74
C ALA E 166 16.36 36.67 13.96
N PHE E 167 16.04 36.02 15.07
CA PHE E 167 15.75 36.71 16.33
C PHE E 167 16.99 37.46 16.83
N ASP E 168 18.15 36.82 16.73
CA ASP E 168 19.43 37.43 17.10
C ASP E 168 19.71 38.71 16.33
N LEU E 169 19.55 38.66 15.01
CA LEU E 169 19.81 39.82 14.15
C LEU E 169 18.91 41.01 14.46
N ILE E 170 17.64 40.74 14.76
CA ILE E 170 16.70 41.82 15.08
C ILE E 170 17.04 42.46 16.42
N GLU E 171 17.20 41.66 17.46
CA GLU E 171 17.49 42.16 18.79
C GLU E 171 18.82 42.92 18.82
N HIS E 172 19.84 42.35 18.18
CA HIS E 172 21.19 42.89 18.24
C HIS E 172 21.36 44.18 17.41
N TYR E 173 20.81 44.19 16.21
CA TYR E 173 21.05 45.28 15.25
C TYR E 173 19.87 46.24 15.02
N PHE E 174 18.64 45.82 15.34
CA PHE E 174 17.44 46.60 15.00
C PHE E 174 16.54 46.93 16.19
N GLY E 175 15.77 45.95 16.67
CA GLY E 175 14.77 46.17 17.71
C GLY E 175 15.37 46.43 19.09
N THR F 1 13.97 -18.01 -5.58
CA THR F 1 14.21 -17.50 -4.20
C THR F 1 14.37 -18.62 -3.14
N GLN F 2 13.84 -19.80 -3.43
CA GLN F 2 14.02 -20.97 -2.56
C GLN F 2 15.41 -21.58 -2.80
N VAL F 3 15.93 -22.27 -1.79
CA VAL F 3 17.36 -22.64 -1.79
C VAL F 3 17.70 -23.67 -0.70
N ILE F 4 18.73 -24.50 -0.93
CA ILE F 4 19.12 -25.57 0.02
C ILE F 4 20.65 -25.71 0.21
N LEU F 5 21.10 -25.76 1.47
CA LEU F 5 22.50 -26.07 1.82
C LEU F 5 22.67 -27.14 2.90
N ASN F 6 23.79 -27.86 2.83
CA ASN F 6 24.11 -28.97 3.76
C ASN F 6 25.33 -28.72 4.65
N CYS F 7 25.38 -29.43 5.79
CA CYS F 7 26.50 -29.31 6.74
C CYS F 7 27.05 -30.68 7.13
N SER F 8 28.37 -30.76 7.28
CA SER F 8 29.04 -32.00 7.70
C SER F 8 29.04 -32.14 9.23
N ALA F 9 29.41 -31.07 9.91
CA ALA F 9 29.48 -31.06 11.37
C ALA F 9 28.21 -30.49 11.99
N LEU F 10 27.89 -30.96 13.19
CA LEU F 10 26.74 -30.47 13.94
C LEU F 10 26.98 -29.15 14.68
N PRO F 11 28.16 -28.97 15.31
CA PRO F 11 28.41 -27.66 15.96
C PRO F 11 28.52 -26.49 14.98
N CYS F 12 28.51 -26.79 13.69
CA CYS F 12 28.29 -25.80 12.64
C CYS F 12 27.07 -24.94 12.95
N LEU F 13 25.97 -25.60 13.32
CA LEU F 13 24.68 -24.94 13.58
C LEU F 13 24.66 -24.15 14.88
N LEU F 14 25.44 -24.58 15.88
CA LEU F 14 25.55 -23.85 17.14
C LEU F 14 25.96 -22.40 16.92
N HIS F 15 26.82 -22.18 15.91
CA HIS F 15 27.24 -20.83 15.54
C HIS F 15 26.08 -20.07 14.88
N LEU F 16 25.36 -20.75 13.99
CA LEU F 16 24.24 -20.15 13.26
C LEU F 16 23.05 -19.75 14.15
N LEU F 17 22.85 -20.49 15.24
CA LEU F 17 21.78 -20.19 16.20
C LEU F 17 22.07 -18.94 17.04
N SER F 18 23.33 -18.50 17.05
CA SER F 18 23.73 -17.31 17.79
C SER F 18 24.19 -16.19 16.84
N SER F 19 23.61 -16.14 15.64
CA SER F 19 23.96 -15.13 14.65
C SER F 19 23.19 -13.82 14.94
N PRO F 20 23.57 -12.72 14.28
CA PRO F 20 22.79 -11.49 14.43
C PRO F 20 21.48 -11.50 13.63
N LYS F 21 21.49 -12.14 12.46
CA LYS F 21 20.32 -12.21 11.60
C LYS F 21 19.27 -13.19 12.13
N GLU F 22 18.05 -12.70 12.32
CA GLU F 22 16.94 -13.55 12.76
C GLU F 22 16.58 -14.58 11.70
N SER F 23 16.52 -14.14 10.45
CA SER F 23 16.18 -14.99 9.31
C SER F 23 17.02 -16.28 9.27
N ILE F 24 18.27 -16.20 9.69
CA ILE F 24 19.15 -17.36 9.77
C ILE F 24 18.78 -18.22 10.98
N ARG F 25 18.71 -17.60 12.15
CA ARG F 25 18.37 -18.30 13.39
C ARG F 25 17.07 -19.09 13.26
N LYS F 26 16.06 -18.46 12.67
CA LYS F 26 14.78 -19.11 12.43
C LYS F 26 14.95 -20.38 11.62
N GLU F 27 15.63 -20.28 10.48
CA GLU F 27 15.84 -21.43 9.60
C GLU F 27 16.80 -22.47 10.20
N ALA F 28 17.71 -22.01 11.05
CA ALA F 28 18.61 -22.91 11.79
C ALA F 28 17.80 -23.76 12.78
N CYS F 29 16.88 -23.12 13.49
CA CYS F 29 15.99 -23.82 14.42
C CYS F 29 15.09 -24.82 13.68
N TRP F 30 14.58 -24.41 12.53
CA TRP F 30 13.75 -25.28 11.68
C TRP F 30 14.53 -26.53 11.26
N THR F 31 15.82 -26.38 11.01
CA THR F 31 16.68 -27.51 10.65
C THR F 31 16.93 -28.42 11.84
N VAL F 32 17.17 -27.84 13.01
CA VAL F 32 17.40 -28.61 14.23
C VAL F 32 16.17 -29.44 14.57
N SER F 33 14.99 -28.89 14.36
CA SER F 33 13.74 -29.59 14.64
C SER F 33 13.55 -30.83 13.76
N ASN F 34 14.06 -30.78 12.53
CA ASN F 34 14.05 -31.95 11.65
C ASN F 34 14.98 -33.06 12.16
N ILE F 35 16.13 -32.65 12.69
CA ILE F 35 17.08 -33.59 13.29
C ILE F 35 16.52 -34.17 14.58
N THR F 36 15.90 -33.30 15.39
CA THR F 36 15.31 -33.71 16.66
C THR F 36 14.05 -34.57 16.46
N ALA F 37 13.44 -34.49 15.28
CA ALA F 37 12.31 -35.34 14.93
C ALA F 37 12.72 -36.80 14.68
N GLY F 38 14.02 -37.03 14.42
CA GLY F 38 14.52 -38.35 14.12
C GLY F 38 14.64 -39.28 15.32
N ASN F 39 15.50 -40.29 15.21
CA ASN F 39 15.65 -41.32 16.24
C ASN F 39 16.41 -40.82 17.48
N ARG F 40 16.70 -41.75 18.39
CA ARG F 40 17.27 -41.41 19.69
C ARG F 40 18.74 -40.99 19.61
N ALA F 41 19.49 -41.60 18.69
CA ALA F 41 20.90 -41.26 18.48
C ALA F 41 21.05 -39.85 17.90
N GLN F 42 20.12 -39.48 17.02
CA GLN F 42 20.11 -38.15 16.40
C GLN F 42 19.83 -37.08 17.45
N ILE F 43 18.90 -37.36 18.35
CA ILE F 43 18.61 -36.49 19.49
C ILE F 43 19.86 -36.37 20.36
N GLN F 44 20.53 -37.50 20.58
CA GLN F 44 21.74 -37.53 21.42
C GLN F 44 22.88 -36.71 20.82
N ALA F 45 22.97 -36.71 19.49
CA ALA F 45 23.95 -35.88 18.79
C ALA F 45 23.77 -34.40 19.13
N VAL F 46 22.52 -33.94 19.07
CA VAL F 46 22.18 -32.55 19.40
C VAL F 46 22.51 -32.22 20.85
N ILE F 47 22.29 -33.19 21.75
CA ILE F 47 22.62 -33.03 23.15
C ILE F 47 24.13 -32.89 23.35
N ASP F 48 24.89 -33.70 22.62
CA ASP F 48 26.36 -33.71 22.73
C ASP F 48 27.02 -32.44 22.19
N ALA F 49 26.34 -31.76 21.27
CA ALA F 49 26.87 -30.52 20.68
C ALA F 49 26.49 -29.26 21.47
N ASN F 50 25.79 -29.42 22.58
CA ASN F 50 25.35 -28.30 23.44
C ASN F 50 24.47 -27.30 22.71
N ILE F 51 23.39 -27.82 22.12
CA ILE F 51 22.46 -27.02 21.31
C ILE F 51 21.18 -26.68 22.09
N PHE F 52 20.67 -27.63 22.87
CA PHE F 52 19.46 -27.42 23.65
C PHE F 52 19.52 -26.26 24.65
N PRO F 53 20.68 -26.02 25.28
CA PRO F 53 20.78 -24.86 26.17
C PRO F 53 20.47 -23.53 25.47
N VAL F 54 20.97 -23.37 24.24
CA VAL F 54 20.72 -22.13 23.49
C VAL F 54 19.31 -22.10 22.87
N LEU F 55 18.73 -23.27 22.60
CA LEU F 55 17.33 -23.35 22.13
C LEU F 55 16.35 -22.85 23.19
N ILE F 56 16.56 -23.25 24.43
CA ILE F 56 15.69 -22.86 25.54
C ILE F 56 15.87 -21.36 25.86
N GLU F 57 17.08 -20.86 25.66
CA GLU F 57 17.37 -19.44 25.79
C GLU F 57 16.63 -18.65 24.70
N ILE F 58 16.62 -19.22 23.49
CA ILE F 58 15.88 -18.67 22.34
C ILE F 58 14.37 -18.72 22.56
N LEU F 59 13.89 -19.82 23.13
CA LEU F 59 12.46 -20.04 23.33
C LEU F 59 11.79 -18.98 24.21
N GLN F 60 12.59 -18.27 25.01
CA GLN F 60 12.10 -17.16 25.82
C GLN F 60 12.43 -15.82 25.21
N LYS F 61 13.70 -15.61 24.90
CA LYS F 61 14.21 -14.28 24.53
C LYS F 61 13.98 -13.87 23.08
N ALA F 62 13.97 -14.83 22.16
CA ALA F 62 13.88 -14.52 20.73
C ALA F 62 12.49 -14.07 20.32
N GLU F 63 12.38 -13.51 19.11
CA GLU F 63 11.10 -13.04 18.59
C GLU F 63 10.25 -14.22 18.14
N PHE F 64 8.96 -13.96 17.96
CA PHE F 64 7.94 -15.01 17.90
C PHE F 64 8.20 -16.08 16.82
N ARG F 65 8.47 -15.65 15.60
CA ARG F 65 8.66 -16.58 14.48
C ARG F 65 9.78 -17.59 14.74
N THR F 66 10.82 -17.14 15.46
CA THR F 66 11.93 -18.00 15.85
C THR F 66 11.52 -18.96 16.98
N ARG F 67 10.83 -18.44 17.98
CA ARG F 67 10.35 -19.26 19.10
C ARG F 67 9.52 -20.45 18.62
N LYS F 68 8.67 -20.21 17.62
CA LYS F 68 7.80 -21.26 17.08
C LYS F 68 8.59 -22.47 16.63
N GLU F 69 9.72 -22.24 15.95
CA GLU F 69 10.56 -23.34 15.47
C GLU F 69 11.39 -23.96 16.59
N ALA F 70 11.85 -23.13 17.52
CA ALA F 70 12.55 -23.63 18.71
C ALA F 70 11.64 -24.52 19.56
N ALA F 71 10.36 -24.17 19.60
CA ALA F 71 9.36 -24.96 20.33
C ALA F 71 9.17 -26.32 19.67
N TRP F 72 8.97 -26.32 18.36
CA TRP F 72 8.85 -27.56 17.59
C TRP F 72 10.02 -28.49 17.86
N ALA F 73 11.22 -27.93 17.87
CA ALA F 73 12.45 -28.70 18.10
C ALA F 73 12.43 -29.41 19.45
N ILE F 74 12.09 -28.69 20.50
CA ILE F 74 12.11 -29.23 21.87
C ILE F 74 10.99 -30.27 22.07
N THR F 75 9.83 -30.00 21.52
CA THR F 75 8.71 -30.95 21.61
C THR F 75 9.02 -32.26 20.90
N ASN F 76 9.72 -32.16 19.76
CA ASN F 76 10.15 -33.36 19.03
C ASN F 76 11.15 -34.20 19.85
N ALA F 77 11.98 -33.52 20.64
CA ALA F 77 12.94 -34.21 21.52
C ALA F 77 12.19 -35.03 22.56
N THR F 78 11.20 -34.42 23.19
CA THR F 78 10.39 -35.10 24.19
C THR F 78 9.56 -36.23 23.59
N SER F 79 9.25 -36.13 22.30
CA SER F 79 8.43 -37.13 21.63
C SER F 79 9.16 -38.45 21.43
N GLY F 80 10.33 -38.39 20.79
CA GLY F 80 11.11 -39.60 20.47
C GLY F 80 12.31 -39.84 21.37
N GLY F 81 12.44 -39.06 22.44
CA GLY F 81 13.59 -39.15 23.33
C GLY F 81 13.46 -40.19 24.41
N THR F 82 14.59 -40.61 24.95
CA THR F 82 14.62 -41.60 26.04
C THR F 82 14.40 -40.89 27.39
N PRO F 83 13.95 -41.63 28.41
CA PRO F 83 13.84 -41.12 29.77
C PRO F 83 15.06 -40.33 30.25
N GLU F 84 16.25 -40.75 29.83
CA GLU F 84 17.49 -40.07 30.17
C GLU F 84 17.52 -38.69 29.50
N GLN F 85 17.17 -38.67 28.21
CA GLN F 85 17.20 -37.45 27.40
C GLN F 85 16.16 -36.42 27.81
N ILE F 86 14.98 -36.88 28.19
CA ILE F 86 13.89 -35.97 28.60
C ILE F 86 14.24 -35.31 29.93
N ARG F 87 14.73 -36.11 30.89
CA ARG F 87 15.18 -35.59 32.18
C ARG F 87 16.25 -34.51 32.01
N TYR F 88 17.10 -34.67 31.00
CA TYR F 88 18.13 -33.68 30.69
C TYR F 88 17.51 -32.34 30.27
N LEU F 89 16.50 -32.39 29.41
CA LEU F 89 15.79 -31.18 28.97
C LEU F 89 15.11 -30.49 30.13
N VAL F 90 14.45 -31.27 30.99
CA VAL F 90 13.77 -30.73 32.17
C VAL F 90 14.77 -30.07 33.11
N ALA F 91 15.95 -30.69 33.25
CA ALA F 91 17.03 -30.13 34.09
C ALA F 91 17.51 -28.79 33.55
N LEU F 92 17.49 -28.61 32.23
CA LEU F 92 17.82 -27.31 31.62
C LEU F 92 16.74 -26.26 31.89
N GLY F 93 15.51 -26.71 32.18
CA GLY F 93 14.41 -25.82 32.53
C GLY F 93 13.57 -25.48 31.32
N CYS F 94 13.03 -26.50 30.67
CA CYS F 94 12.25 -26.34 29.44
C CYS F 94 10.73 -26.28 29.70
N ILE F 95 10.31 -26.61 30.92
CA ILE F 95 8.89 -26.66 31.25
C ILE F 95 8.26 -25.27 31.24
N LYS F 96 8.93 -24.31 31.87
CA LYS F 96 8.43 -22.93 31.93
C LYS F 96 8.33 -22.32 30.52
N PRO F 97 9.40 -22.41 29.71
CA PRO F 97 9.33 -21.97 28.30
C PRO F 97 8.16 -22.56 27.51
N LEU F 98 7.81 -23.81 27.80
CA LEU F 98 6.68 -24.47 27.15
C LEU F 98 5.34 -23.94 27.67
N CYS F 99 5.27 -23.75 28.99
CA CYS F 99 4.06 -23.22 29.62
C CYS F 99 3.74 -21.80 29.16
N ASP F 100 4.78 -21.04 28.82
CA ASP F 100 4.61 -19.69 28.27
C ASP F 100 3.80 -19.72 26.98
N LEU F 101 4.08 -20.71 26.13
CA LEU F 101 3.40 -20.83 24.84
C LEU F 101 1.91 -21.18 24.92
N LEU F 102 1.45 -21.65 26.07
CA LEU F 102 0.06 -22.10 26.20
C LEU F 102 -0.98 -21.00 25.96
N THR F 103 -0.61 -19.74 26.17
CA THR F 103 -1.56 -18.63 26.05
C THR F 103 -1.55 -17.92 24.68
N VAL F 104 -0.77 -18.42 23.74
CA VAL F 104 -0.63 -17.78 22.43
C VAL F 104 -1.86 -17.99 21.54
N MET F 105 -1.99 -17.14 20.54
CA MET F 105 -3.14 -17.12 19.63
C MET F 105 -3.14 -18.29 18.65
N ASP F 106 -1.96 -18.69 18.18
CA ASP F 106 -1.81 -19.76 17.20
C ASP F 106 -2.11 -21.14 17.81
N SER F 107 -3.22 -21.75 17.38
CA SER F 107 -3.63 -23.06 17.87
C SER F 107 -2.55 -24.13 17.67
N LYS F 108 -1.86 -24.05 16.53
CA LYS F 108 -0.83 -25.04 16.20
C LYS F 108 0.30 -25.05 17.23
N ILE F 109 0.71 -23.87 17.67
CA ILE F 109 1.80 -23.74 18.64
C ILE F 109 1.36 -24.17 20.04
N VAL F 110 0.08 -23.99 20.35
CA VAL F 110 -0.47 -24.44 21.63
C VAL F 110 -0.44 -25.96 21.71
N GLN F 111 -0.87 -26.62 20.64
CA GLN F 111 -0.85 -28.09 20.58
C GLN F 111 0.57 -28.64 20.74
N VAL F 112 1.53 -27.94 20.17
CA VAL F 112 2.93 -28.34 20.28
C VAL F 112 3.39 -28.27 21.74
N ALA F 113 3.01 -27.20 22.43
CA ALA F 113 3.32 -27.06 23.85
C ALA F 113 2.64 -28.14 24.68
N LEU F 114 1.36 -28.40 24.39
CA LEU F 114 0.61 -29.43 25.11
C LEU F 114 1.19 -30.81 24.94
N ASN F 115 1.61 -31.14 23.71
CA ASN F 115 2.24 -32.43 23.45
C ASN F 115 3.54 -32.56 24.24
N GLY F 116 4.38 -31.52 24.16
CA GLY F 116 5.66 -31.50 24.88
C GLY F 116 5.51 -31.66 26.37
N LEU F 117 4.48 -31.03 26.95
CA LEU F 117 4.20 -31.16 28.38
C LEU F 117 3.66 -32.56 28.70
N GLU F 118 2.78 -33.06 27.85
CA GLU F 118 2.22 -34.40 28.04
C GLU F 118 3.31 -35.46 28.03
N ASN F 119 4.24 -35.34 27.09
CA ASN F 119 5.38 -36.25 27.01
C ASN F 119 6.16 -36.28 28.32
N ILE F 120 6.36 -35.10 28.91
CA ILE F 120 7.05 -34.98 30.19
C ILE F 120 6.21 -35.56 31.32
N LEU F 121 4.91 -35.32 31.28
CA LEU F 121 4.00 -35.84 32.31
C LEU F 121 3.89 -37.36 32.26
N ARG F 122 3.79 -37.92 31.05
CA ARG F 122 3.71 -39.38 30.89
C ARG F 122 4.96 -40.09 31.40
N LEU F 123 6.11 -39.42 31.31
CA LEU F 123 7.36 -39.95 31.87
C LEU F 123 7.29 -39.99 33.40
N GLY F 124 6.58 -39.03 34.00
CA GLY F 124 6.39 -39.00 35.45
C GLY F 124 5.58 -40.17 35.98
N GLU F 125 4.72 -40.76 35.13
CA GLU F 125 3.94 -41.93 35.51
C GLU F 125 4.87 -43.12 35.81
N GLN F 126 5.87 -43.29 34.95
CA GLN F 126 6.89 -44.33 35.15
C GLN F 126 7.74 -44.05 36.39
N GLU F 127 8.17 -42.80 36.54
CA GLU F 127 8.99 -42.37 37.68
C GLU F 127 8.26 -42.50 39.03
N SER F 128 6.93 -42.35 39.02
CA SER F 128 6.14 -42.48 40.25
C SER F 128 6.19 -43.90 40.81
N LYS F 129 6.17 -44.89 39.93
CA LYS F 129 6.30 -46.29 40.32
C LYS F 129 7.70 -46.60 40.84
N GLN F 130 8.70 -46.02 40.19
CA GLN F 130 10.11 -46.27 40.52
C GLN F 130 10.57 -45.55 41.78
N ASN F 131 10.20 -44.27 41.93
CA ASN F 131 10.73 -43.44 43.03
C ASN F 131 10.38 -43.96 44.43
N GLY F 132 9.24 -44.62 44.54
CA GLY F 132 8.80 -45.21 45.81
C GLY F 132 7.85 -44.33 46.60
N ILE F 133 7.77 -43.05 46.25
CA ILE F 133 6.86 -42.12 46.91
C ILE F 133 5.45 -42.31 46.37
N GLY F 134 5.35 -42.51 45.06
CA GLY F 134 4.08 -42.75 44.38
C GLY F 134 3.45 -41.46 43.91
N ILE F 135 4.29 -40.50 43.50
CA ILE F 135 3.81 -39.20 43.02
C ILE F 135 4.56 -38.77 41.75
N ASN F 136 3.86 -38.04 40.90
CA ASN F 136 4.43 -37.52 39.66
C ASN F 136 5.20 -36.22 39.95
N PRO F 137 6.52 -36.23 39.76
CA PRO F 137 7.35 -35.08 40.16
C PRO F 137 7.12 -33.84 39.30
N TYR F 138 6.72 -34.04 38.05
CA TYR F 138 6.57 -32.95 37.08
C TYR F 138 5.25 -32.19 37.21
N CYS F 139 4.32 -32.72 38.00
CA CYS F 139 3.07 -32.01 38.31
C CYS F 139 3.36 -30.73 39.09
N ALA F 140 4.20 -30.86 40.12
CA ALA F 140 4.60 -29.73 40.94
C ALA F 140 5.32 -28.65 40.13
N LEU F 141 6.24 -29.07 39.27
CA LEU F 141 7.01 -28.14 38.43
C LEU F 141 6.14 -27.36 37.45
N ILE F 142 5.15 -28.03 36.86
CA ILE F 142 4.24 -27.40 35.92
C ILE F 142 3.32 -26.40 36.62
N GLU F 143 2.83 -26.76 37.81
CA GLU F 143 2.01 -25.84 38.61
C GLU F 143 2.78 -24.57 38.95
N GLU F 144 4.02 -24.75 39.41
CA GLU F 144 4.89 -23.64 39.82
C GLU F 144 5.25 -22.72 38.65
N ALA F 145 5.16 -23.24 37.43
CA ALA F 145 5.41 -22.44 36.23
C ALA F 145 4.11 -21.84 35.67
N TYR F 146 3.06 -21.82 36.48
CA TYR F 146 1.73 -21.34 36.08
C TYR F 146 1.12 -22.15 34.92
N GLY F 147 1.63 -23.36 34.70
CA GLY F 147 1.17 -24.19 33.60
C GLY F 147 -0.18 -24.82 33.89
N LEU F 148 -0.37 -25.24 35.14
CA LEU F 148 -1.62 -25.87 35.56
C LEU F 148 -2.82 -24.98 35.27
N ASP F 149 -2.73 -23.71 35.64
CA ASP F 149 -3.81 -22.76 35.38
C ASP F 149 -3.98 -22.49 33.88
N LYS F 150 -2.86 -22.39 33.17
CA LYS F 150 -2.91 -22.12 31.74
C LYS F 150 -3.48 -23.29 30.94
N ILE F 151 -3.29 -24.52 31.45
CA ILE F 151 -3.97 -25.69 30.89
C ILE F 151 -5.45 -25.64 31.23
N GLU F 152 -5.78 -25.26 32.46
CA GLU F 152 -7.17 -25.06 32.87
C GLU F 152 -7.90 -24.09 31.92
N PHE F 153 -7.23 -23.01 31.53
CA PHE F 153 -7.80 -22.05 30.57
C PHE F 153 -8.20 -22.73 29.27
N LEU F 154 -7.34 -23.63 28.81
CA LEU F 154 -7.51 -24.29 27.52
C LEU F 154 -8.70 -25.26 27.49
N GLN F 155 -9.23 -25.63 28.66
CA GLN F 155 -10.44 -26.45 28.71
C GLN F 155 -11.63 -25.75 28.08
N SER F 156 -11.63 -24.42 28.11
CA SER F 156 -12.70 -23.62 27.53
C SER F 156 -12.30 -23.04 26.16
N HIS F 157 -11.29 -23.62 25.53
CA HIS F 157 -10.77 -23.12 24.26
C HIS F 157 -11.73 -23.47 23.12
N GLU F 158 -11.67 -22.68 22.05
CA GLU F 158 -12.58 -22.83 20.91
C GLU F 158 -12.34 -24.15 20.17
N ASN F 159 -11.09 -24.36 19.76
CA ASN F 159 -10.68 -25.56 19.02
C ASN F 159 -10.92 -26.85 19.81
N GLN F 160 -11.58 -27.81 19.15
CA GLN F 160 -11.93 -29.11 19.76
C GLN F 160 -10.70 -29.90 20.20
N GLU F 161 -9.70 -29.97 19.33
CA GLU F 161 -8.51 -30.76 19.56
C GLU F 161 -7.71 -30.26 20.77
N ILE F 162 -7.81 -28.96 21.07
CA ILE F 162 -7.12 -28.39 22.22
C ILE F 162 -7.88 -28.63 23.52
N TYR F 163 -9.19 -28.39 23.52
CA TYR F 163 -9.97 -28.48 24.77
C TYR F 163 -10.16 -29.90 25.28
N GLN F 164 -10.12 -30.89 24.38
CA GLN F 164 -10.18 -32.30 24.79
C GLN F 164 -8.84 -32.75 25.36
N LYS F 165 -7.76 -32.29 24.74
CA LYS F 165 -6.41 -32.58 25.24
C LYS F 165 -6.23 -31.99 26.64
N ALA F 166 -6.71 -30.75 26.81
CA ALA F 166 -6.59 -30.04 28.09
C ALA F 166 -7.38 -30.74 29.20
N PHE F 167 -8.60 -31.15 28.89
CA PHE F 167 -9.44 -31.86 29.87
C PHE F 167 -8.81 -33.19 30.26
N ASP F 168 -8.28 -33.90 29.29
CA ASP F 168 -7.59 -35.17 29.55
C ASP F 168 -6.42 -35.00 30.50
N LEU F 169 -5.56 -34.02 30.23
CA LEU F 169 -4.37 -33.80 31.06
C LEU F 169 -4.71 -33.48 32.52
N ILE F 170 -5.79 -32.72 32.73
CA ILE F 170 -6.20 -32.35 34.08
C ILE F 170 -6.74 -33.57 34.83
N GLU F 171 -7.69 -34.28 34.23
CA GLU F 171 -8.31 -35.44 34.87
C GLU F 171 -7.28 -36.54 35.14
N HIS F 172 -6.41 -36.79 34.16
CA HIS F 172 -5.46 -37.90 34.23
C HIS F 172 -4.31 -37.64 35.21
N TYR F 173 -3.75 -36.43 35.18
CA TYR F 173 -2.53 -36.12 35.93
C TYR F 173 -2.72 -35.21 37.16
N PHE F 174 -3.82 -34.45 37.21
CA PHE F 174 -4.00 -33.44 38.26
C PHE F 174 -5.29 -33.64 39.07
N GLY F 175 -6.43 -33.33 38.47
CA GLY F 175 -7.73 -33.43 39.14
C GLY F 175 -8.20 -34.87 39.27
CL CL G . 7.97 -12.44 -45.57
CL CL H . -8.86 8.92 -6.92
#